data_3FIP
#
_entry.id   3FIP
#
_cell.length_a   120.036
_cell.length_b   120.036
_cell.length_c   354.151
_cell.angle_alpha   90.00
_cell.angle_beta   90.00
_cell.angle_gamma   90.00
#
_symmetry.space_group_name_H-M   'I 4 2 2'
#
_entity_poly.entity_id   1
_entity_poly.type   'polypeptide(L)'
_entity_poly.pdbx_seq_one_letter_code
;PGLMLDYNLNGTVSRNYQGGDSHQFSYNGTVGGNLGPWRLRADYQGSQEQSRYNGEKTTNRNFTWSRFYLFRAIPRWRAN
LTLGENNINSDIFRSWSYTGASLESDDRMLPPRLRGYAPQITGIAETNARVVVSQQGRVLYDSMVPAGPFSIQDLDSSVR
GRLDVEVIEQNGRKKTFQVDTASVPYLTRPGQVRYKLVSGRSRGYGHETEGPVFATGEASWGLSNQWSLYGGAVLAGDYN
ALAAGAGWDLGVPGTLSADITQSVARIEGERTFQGKSWRLSYSKRFDNADADITFAGYRFSERNYMTMEQYLNARYRNDY
SSREKEMYTVTLNKNVADWNTSFNLQYSRQTYWDIRKTDYYTVSVNRYFNVFGLQGVAVGLSASRSKYLGRDNDSAYLRI
SVPLGTGTASYSGSMSNDRYVNMAGYTDTFNDGLDSYSLNAGLNSGGGLTSQRQINAYYSHRSPLANLSANIASLQKGYT
SFGVSASGGATIT
;
_entity_poly.pdbx_strand_id   A,B
#
# COMPACT_ATOMS: atom_id res chain seq x y z
N LEU A 3 14.70 -36.73 -14.10
CA LEU A 3 14.15 -35.38 -13.97
C LEU A 3 12.64 -35.33 -13.78
N MET A 4 12.18 -34.72 -12.68
CA MET A 4 10.78 -34.36 -12.53
C MET A 4 10.63 -32.85 -12.28
N LEU A 5 9.44 -32.44 -11.88
CA LEU A 5 9.10 -31.04 -11.69
C LEU A 5 7.82 -30.90 -10.87
N ASP A 6 7.86 -30.12 -9.80
CA ASP A 6 6.64 -29.89 -9.04
C ASP A 6 6.07 -28.48 -9.25
N TYR A 7 5.32 -28.34 -10.32
CA TYR A 7 4.80 -27.09 -10.82
C TYR A 7 3.63 -26.51 -10.04
N ASN A 8 3.64 -25.20 -9.82
CA ASN A 8 2.47 -24.47 -9.33
C ASN A 8 2.20 -23.24 -10.22
N LEU A 9 0.99 -23.12 -10.75
CA LEU A 9 0.70 -22.08 -11.73
C LEU A 9 -0.61 -21.41 -11.45
N ASN A 10 -0.59 -20.10 -11.18
CA ASN A 10 -1.82 -19.33 -11.11
C ASN A 10 -1.87 -18.28 -12.20
N GLY A 11 -3.08 -18.00 -12.66
CA GLY A 11 -3.33 -16.86 -13.52
C GLY A 11 -4.69 -16.28 -13.22
N THR A 12 -4.86 -15.00 -13.47
CA THR A 12 -6.16 -14.38 -13.27
C THR A 12 -6.33 -13.17 -14.16
N VAL A 13 -7.59 -12.86 -14.44
CA VAL A 13 -7.94 -11.77 -15.34
C VAL A 13 -9.17 -11.04 -14.85
N SER A 14 -8.97 -9.76 -14.58
CA SER A 14 -10.02 -8.89 -14.04
C SER A 14 -10.36 -7.77 -15.04
N ARG A 15 -11.62 -7.37 -15.07
CA ARG A 15 -12.02 -6.17 -15.79
C ARG A 15 -12.84 -5.33 -14.83
N ASN A 16 -13.29 -4.19 -15.32
CA ASN A 16 -13.70 -3.09 -14.46
C ASN A 16 -14.70 -2.15 -15.12
N TYR A 17 -15.86 -1.93 -14.50
CA TYR A 17 -16.86 -1.03 -15.09
C TYR A 17 -16.18 0.26 -15.55
N GLN A 18 -15.60 1.00 -14.60
CA GLN A 18 -14.92 2.25 -14.89
C GLN A 18 -13.78 2.11 -15.92
N GLY A 19 -13.50 0.88 -16.36
CA GLY A 19 -12.74 0.66 -17.58
C GLY A 19 -11.34 0.07 -17.50
N GLY A 20 -11.07 -0.71 -16.45
CA GLY A 20 -9.74 -1.27 -16.21
C GLY A 20 -9.50 -2.77 -16.39
N ASP A 21 -8.26 -3.10 -16.74
CA ASP A 21 -7.84 -4.49 -16.97
C ASP A 21 -6.72 -4.90 -16.02
N SER A 22 -6.77 -6.14 -15.56
CA SER A 22 -5.64 -6.68 -14.86
C SER A 22 -5.46 -8.13 -15.21
N HIS A 23 -4.24 -8.49 -15.63
CA HIS A 23 -3.88 -9.88 -15.82
C HIS A 23 -2.86 -10.19 -14.76
N GLN A 24 -2.95 -11.39 -14.19
CA GLN A 24 -1.95 -11.86 -13.24
C GLN A 24 -1.49 -13.27 -13.63
N PHE A 25 -0.26 -13.59 -13.27
CA PHE A 25 0.29 -14.89 -13.56
C PHE A 25 1.55 -15.06 -12.76
N SER A 26 1.48 -15.96 -11.80
CA SER A 26 2.61 -16.37 -10.97
C SER A 26 2.94 -17.81 -11.26
N TYR A 27 3.95 -18.32 -10.58
CA TYR A 27 4.31 -19.71 -10.75
C TYR A 27 5.56 -20.01 -9.93
N ASN A 28 5.58 -21.18 -9.30
CA ASN A 28 6.80 -21.65 -8.64
C ASN A 28 6.98 -23.15 -8.74
N GLY A 29 7.95 -23.67 -8.00
CA GLY A 29 8.21 -25.09 -8.06
C GLY A 29 9.60 -25.61 -7.74
N THR A 30 9.77 -26.92 -7.97
CA THR A 30 11.04 -27.59 -7.84
C THR A 30 11.26 -28.44 -9.08
N VAL A 31 12.50 -28.48 -9.55
CA VAL A 31 12.92 -29.31 -10.66
C VAL A 31 13.97 -30.25 -10.14
N GLY A 32 13.60 -31.49 -9.95
CA GLY A 32 14.49 -32.43 -9.32
C GLY A 32 15.09 -33.45 -10.26
N GLY A 33 16.09 -34.16 -9.75
CA GLY A 33 16.75 -35.23 -10.45
C GLY A 33 17.45 -35.96 -9.33
N ASN A 34 17.80 -37.21 -9.55
CA ASN A 34 18.49 -37.97 -8.52
C ASN A 34 19.76 -38.53 -9.09
N LEU A 35 20.88 -37.92 -8.74
CA LEU A 35 22.18 -38.44 -9.14
C LEU A 35 22.71 -39.46 -8.13
N GLY A 36 22.60 -40.75 -8.49
CA GLY A 36 22.99 -41.80 -7.58
C GLY A 36 22.34 -41.59 -6.23
N PRO A 37 23.15 -41.57 -5.15
CA PRO A 37 22.72 -41.47 -3.75
C PRO A 37 22.23 -40.08 -3.45
N TRP A 38 22.56 -39.17 -4.36
CA TRP A 38 22.37 -37.73 -4.17
C TRP A 38 21.00 -37.31 -4.60
N ARG A 39 20.47 -36.32 -3.87
CA ARG A 39 19.19 -35.73 -4.20
C ARG A 39 19.31 -34.23 -4.54
N LEU A 40 19.01 -33.95 -5.80
CA LEU A 40 19.38 -32.72 -6.45
C LEU A 40 18.11 -31.93 -6.71
N ARG A 41 18.02 -30.73 -6.13
CA ARG A 41 16.79 -29.93 -6.18
C ARG A 41 17.00 -28.43 -6.37
N ALA A 42 16.22 -27.84 -7.29
CA ALA A 42 16.36 -26.44 -7.66
C ALA A 42 15.02 -25.72 -7.67
N ASP A 43 14.82 -24.81 -6.72
CA ASP A 43 13.59 -24.01 -6.61
C ASP A 43 13.60 -22.81 -7.54
N TYR A 44 12.46 -22.55 -8.19
CA TYR A 44 12.30 -21.41 -9.09
C TYR A 44 10.97 -20.76 -8.79
N GLN A 45 10.90 -19.44 -8.71
CA GLN A 45 9.61 -18.77 -8.56
C GLN A 45 9.49 -17.54 -9.42
N GLY A 46 8.37 -16.84 -9.33
CA GLY A 46 8.26 -15.57 -10.03
C GLY A 46 6.90 -15.23 -10.62
N SER A 47 6.54 -13.96 -10.52
CA SER A 47 5.24 -13.47 -10.98
C SER A 47 5.18 -12.14 -11.71
N GLN A 48 4.28 -12.05 -12.69
CA GLN A 48 4.20 -10.88 -13.56
C GLN A 48 2.77 -10.42 -13.85
N GLU A 49 2.51 -9.12 -13.68
CA GLU A 49 1.16 -8.59 -13.89
C GLU A 49 1.09 -7.26 -14.64
N GLN A 50 -0.08 -6.95 -15.19
CA GLN A 50 -0.27 -5.77 -16.03
C GLN A 50 -1.58 -5.07 -15.73
N SER A 51 -1.54 -3.77 -15.49
CA SER A 51 -2.77 -3.00 -15.29
C SER A 51 -3.17 -2.13 -16.48
N ARG A 52 -4.38 -1.56 -16.40
CA ARG A 52 -4.83 -0.62 -17.41
C ARG A 52 -5.73 0.51 -16.86
N TYR A 53 -5.33 1.76 -17.12
CA TYR A 53 -6.06 2.96 -16.70
C TYR A 53 -6.51 3.80 -17.90
N LYS A 57 -1.19 2.76 -17.28
CA LYS A 57 -0.68 1.45 -17.71
C LYS A 57 0.63 1.08 -17.00
N THR A 58 0.54 0.07 -16.13
CA THR A 58 1.73 -0.39 -15.39
C THR A 58 1.96 -1.87 -15.52
N THR A 59 3.16 -2.32 -15.21
CA THR A 59 3.42 -3.76 -15.16
C THR A 59 4.56 -4.11 -14.21
N ASN A 60 4.30 -5.02 -13.26
CA ASN A 60 5.38 -5.64 -12.49
C ASN A 60 5.78 -6.98 -13.08
N ARG A 61 7.00 -7.40 -12.82
CA ARG A 61 7.50 -8.65 -13.36
C ARG A 61 8.83 -9.05 -12.71
N ASN A 62 8.93 -10.31 -12.25
CA ASN A 62 10.22 -10.85 -11.82
C ASN A 62 10.35 -12.35 -12.03
N PHE A 63 11.45 -12.90 -11.52
CA PHE A 63 11.78 -14.32 -11.70
C PHE A 63 13.05 -14.67 -10.93
N THR A 64 13.24 -15.95 -10.64
CA THR A 64 14.42 -16.40 -9.89
C THR A 64 14.57 -17.92 -9.80
N TRP A 65 15.69 -18.33 -9.24
CA TRP A 65 15.89 -19.68 -8.77
C TRP A 65 16.17 -19.56 -7.30
N SER A 66 15.11 -19.60 -6.48
CA SER A 66 15.23 -19.21 -5.07
C SER A 66 16.28 -20.00 -4.30
N ARG A 67 16.27 -21.33 -4.47
CA ARG A 67 17.36 -22.15 -3.96
C ARG A 67 17.81 -23.20 -4.95
N PHE A 68 18.97 -23.77 -4.64
CA PHE A 68 19.64 -24.68 -5.53
C PHE A 68 20.62 -25.43 -4.66
N TYR A 69 20.30 -26.69 -4.38
CA TYR A 69 21.02 -27.45 -3.37
C TYR A 69 20.83 -28.95 -3.53
N LEU A 70 21.84 -29.72 -3.13
CA LEU A 70 21.78 -31.16 -3.05
C LEU A 70 21.53 -31.59 -1.62
N PHE A 71 21.04 -32.81 -1.46
CA PHE A 71 21.09 -33.44 -0.16
C PHE A 71 21.11 -34.98 -0.22
N ARG A 72 21.79 -35.54 0.75
CA ARG A 72 22.07 -36.94 0.70
C ARG A 72 21.82 -37.55 2.07
N ALA A 73 21.09 -38.64 2.10
CA ALA A 73 20.84 -39.35 3.33
C ALA A 73 22.08 -40.17 3.68
N ILE A 74 22.48 -40.11 4.95
CA ILE A 74 23.56 -40.97 5.46
C ILE A 74 22.99 -42.12 6.31
N PRO A 75 22.61 -43.21 5.66
CA PRO A 75 22.18 -44.39 6.38
C PRO A 75 22.98 -44.60 7.68
N ARG A 76 24.23 -45.04 7.53
CA ARG A 76 25.03 -45.55 8.64
C ARG A 76 25.48 -44.53 9.72
N TRP A 77 25.42 -43.23 9.42
CA TRP A 77 25.86 -42.19 10.37
C TRP A 77 24.64 -41.56 11.05
N ARG A 78 23.46 -41.79 10.48
CA ARG A 78 22.15 -41.35 11.03
C ARG A 78 21.76 -39.86 10.83
N ALA A 79 22.44 -39.15 9.92
CA ALA A 79 22.17 -37.73 9.67
C ALA A 79 22.15 -37.46 8.18
N ASN A 80 21.48 -36.37 7.77
CA ASN A 80 21.44 -36.03 6.36
C ASN A 80 22.36 -34.85 6.06
N LEU A 81 23.19 -35.00 5.03
CA LEU A 81 23.99 -33.90 4.54
C LEU A 81 23.22 -33.19 3.45
N THR A 82 23.05 -31.88 3.62
CA THR A 82 22.40 -31.06 2.62
C THR A 82 23.34 -29.94 2.30
N LEU A 83 23.79 -29.84 1.06
CA LEU A 83 24.84 -28.89 0.79
C LEU A 83 24.59 -28.04 -0.48
N GLY A 84 24.72 -26.73 -0.35
CA GLY A 84 24.34 -25.82 -1.42
C GLY A 84 23.57 -24.66 -0.85
N GLU A 85 22.62 -24.12 -1.59
CA GLU A 85 21.90 -22.93 -1.14
C GLU A 85 20.69 -23.33 -0.34
N ASN A 86 20.44 -22.67 0.79
CA ASN A 86 19.34 -23.07 1.64
C ASN A 86 19.03 -21.94 2.60
N ASN A 87 18.26 -22.23 3.64
CA ASN A 87 17.90 -21.28 4.69
C ASN A 87 17.87 -22.05 5.96
N ILE A 88 18.57 -21.61 6.97
CA ILE A 88 18.72 -22.45 8.14
C ILE A 88 17.41 -22.64 8.98
N ASN A 89 17.02 -23.89 9.19
CA ASN A 89 15.98 -24.13 10.16
C ASN A 89 16.64 -24.66 11.41
N SER A 90 16.17 -24.18 12.54
CA SER A 90 16.84 -24.46 13.79
C SER A 90 15.77 -24.49 14.86
N ASP A 91 16.05 -25.20 15.94
CA ASP A 91 15.05 -25.38 17.00
C ASP A 91 15.33 -24.41 18.13
N ILE A 92 16.30 -23.53 17.87
CA ILE A 92 16.71 -22.50 18.84
C ILE A 92 16.76 -21.10 18.21
N PHE A 93 17.41 -21.04 17.06
CA PHE A 93 17.70 -19.81 16.35
C PHE A 93 16.63 -19.49 15.31
N ARG A 94 16.55 -18.23 14.91
CA ARG A 94 15.66 -17.81 13.86
C ARG A 94 16.38 -18.04 12.54
N SER A 95 15.62 -18.34 11.50
CA SER A 95 16.20 -18.68 10.20
C SER A 95 16.98 -17.57 9.53
N TRP A 96 17.73 -17.94 8.49
CA TRP A 96 18.25 -16.94 7.54
C TRP A 96 18.75 -17.65 6.29
N SER A 97 18.95 -16.92 5.19
CA SER A 97 19.37 -17.53 3.92
C SER A 97 20.87 -17.82 3.93
N TYR A 98 21.41 -18.55 2.96
CA TYR A 98 22.82 -18.94 3.02
C TYR A 98 23.26 -19.90 1.90
N THR A 99 24.55 -19.97 1.65
CA THR A 99 25.08 -21.04 0.84
C THR A 99 26.10 -21.75 1.69
N GLY A 100 25.81 -22.99 2.04
CA GLY A 100 26.70 -23.75 2.88
C GLY A 100 26.43 -25.22 2.75
N ALA A 101 27.08 -25.99 3.62
CA ALA A 101 26.75 -27.40 3.85
C ALA A 101 26.25 -27.55 5.26
N SER A 102 25.20 -28.35 5.41
CA SER A 102 24.69 -28.65 6.73
C SER A 102 24.62 -30.17 6.96
N LEU A 103 24.95 -30.55 8.19
CA LEU A 103 24.82 -31.93 8.61
C LEU A 103 23.88 -31.91 9.78
N GLU A 104 22.84 -32.74 9.72
CA GLU A 104 21.85 -32.86 10.81
C GLU A 104 21.26 -34.25 10.98
N SER A 105 20.80 -34.51 12.21
CA SER A 105 20.14 -35.76 12.60
C SER A 105 18.91 -36.03 11.77
N ASP A 106 18.42 -37.26 11.86
CA ASP A 106 17.21 -37.62 11.14
C ASP A 106 15.99 -37.63 12.09
N ASP A 107 14.81 -37.59 11.49
CA ASP A 107 13.57 -37.55 12.27
C ASP A 107 12.34 -37.92 11.43
N ALA A 118 4.61 -28.40 11.10
CA ALA A 118 3.50 -28.66 10.20
C ALA A 118 2.36 -27.67 10.44
N PRO A 119 2.63 -26.37 10.16
CA PRO A 119 1.81 -25.22 10.58
C PRO A 119 0.53 -25.04 9.79
N GLN A 120 -0.52 -24.57 10.46
CA GLN A 120 -1.79 -24.25 9.80
C GLN A 120 -1.98 -22.73 9.68
N ILE A 121 -2.57 -22.31 8.56
CA ILE A 121 -2.66 -20.88 8.26
C ILE A 121 -4.06 -20.49 7.92
N THR A 122 -4.70 -19.76 8.83
CA THR A 122 -6.13 -19.49 8.74
C THR A 122 -6.40 -18.03 8.37
N GLY A 123 -7.67 -17.71 8.18
CA GLY A 123 -8.08 -16.37 7.79
C GLY A 123 -9.43 -16.44 7.10
N ILE A 124 -9.83 -15.34 6.46
CA ILE A 124 -11.11 -15.28 5.76
C ILE A 124 -10.85 -14.71 4.39
N ALA A 125 -11.81 -14.82 3.49
CA ALA A 125 -11.62 -14.27 2.15
C ALA A 125 -12.88 -13.56 1.63
N GLU A 126 -12.77 -12.23 1.56
CA GLU A 126 -13.81 -11.39 1.03
C GLU A 126 -14.36 -12.07 -0.22
N THR A 127 -13.45 -12.48 -1.08
CA THR A 127 -13.81 -13.09 -2.35
C THR A 127 -12.90 -14.29 -2.51
N ASN A 128 -13.03 -14.98 -3.65
CA ASN A 128 -12.15 -16.07 -4.03
C ASN A 128 -10.78 -15.48 -4.25
N ALA A 129 -10.21 -14.94 -3.20
CA ALA A 129 -8.91 -14.35 -3.32
C ALA A 129 -7.94 -15.46 -3.54
N ARG A 130 -6.70 -15.08 -3.82
CA ARG A 130 -5.61 -16.03 -3.91
C ARG A 130 -4.58 -15.73 -2.83
N VAL A 131 -4.21 -16.79 -2.11
CA VAL A 131 -3.47 -16.66 -0.86
C VAL A 131 -2.01 -17.04 -1.04
N VAL A 132 -1.10 -16.23 -0.53
CA VAL A 132 0.32 -16.50 -0.68
C VAL A 132 0.99 -16.53 0.67
N VAL A 133 1.81 -17.55 0.92
CA VAL A 133 2.52 -17.70 2.19
C VAL A 133 4.01 -17.83 1.93
N SER A 134 4.81 -17.22 2.80
CA SER A 134 6.25 -17.11 2.57
C SER A 134 7.00 -16.66 3.81
N GLN A 135 8.29 -16.44 3.64
CA GLN A 135 9.18 -16.17 4.77
C GLN A 135 10.57 -15.88 4.22
N GLN A 136 11.16 -14.79 4.69
CA GLN A 136 12.11 -14.02 3.87
C GLN A 136 11.31 -13.72 2.63
N GLY A 137 11.87 -13.98 1.47
CA GLY A 137 11.10 -13.80 0.25
C GLY A 137 10.59 -15.09 -0.38
N ARG A 138 10.80 -16.17 0.35
CA ARG A 138 10.59 -17.48 -0.24
C ARG A 138 9.11 -17.85 -0.19
N VAL A 139 8.55 -18.10 -1.38
CA VAL A 139 7.16 -18.50 -1.53
C VAL A 139 6.95 -19.93 -1.09
N LEU A 140 6.00 -20.15 -0.19
CA LEU A 140 5.81 -21.48 0.40
C LEU A 140 4.45 -22.10 0.00
N TYR A 141 3.56 -21.25 -0.46
CA TYR A 141 2.24 -21.63 -0.90
C TYR A 141 1.76 -20.37 -1.65
N ASP A 142 0.96 -20.54 -2.71
CA ASP A 142 0.54 -19.42 -3.53
C ASP A 142 -0.55 -19.82 -4.46
N SER A 143 -1.79 -19.95 -3.98
CA SER A 143 -2.87 -20.29 -4.90
C SER A 143 -4.27 -19.88 -4.46
N MET A 144 -5.21 -20.05 -5.39
CA MET A 144 -6.65 -19.85 -5.18
C MET A 144 -7.24 -20.55 -3.94
N VAL A 145 -8.22 -19.88 -3.34
CA VAL A 145 -8.96 -20.37 -2.20
C VAL A 145 -10.36 -19.85 -2.43
N PRO A 146 -11.39 -20.63 -2.09
CA PRO A 146 -12.77 -20.20 -2.31
C PRO A 146 -13.23 -19.22 -1.26
N ALA A 147 -13.66 -18.03 -1.67
CA ALA A 147 -14.16 -17.02 -0.74
C ALA A 147 -14.87 -17.66 0.44
N GLY A 148 -14.55 -17.15 1.63
CA GLY A 148 -15.05 -17.71 2.86
C GLY A 148 -13.87 -17.82 3.79
N PRO A 149 -14.03 -18.56 4.89
CA PRO A 149 -12.96 -18.78 5.85
C PRO A 149 -11.98 -19.74 5.23
N PHE A 150 -10.71 -19.70 5.62
CA PHE A 150 -9.81 -20.64 4.99
C PHE A 150 -8.73 -21.18 5.88
N SER A 151 -8.20 -22.32 5.44
CA SER A 151 -7.17 -23.05 6.12
C SER A 151 -6.26 -23.69 5.08
N ILE A 152 -4.97 -23.76 5.39
CA ILE A 152 -4.01 -24.18 4.40
C ILE A 152 -2.85 -25.09 4.78
N GLN A 153 -2.96 -26.35 4.38
CA GLN A 153 -1.96 -27.36 4.76
C GLN A 153 -0.84 -27.87 3.85
N ASP A 154 -0.71 -27.28 2.68
CA ASP A 154 0.20 -27.77 1.63
C ASP A 154 1.62 -27.32 2.00
N LEU A 155 1.75 -26.61 3.12
CA LEU A 155 3.06 -26.37 3.70
C LEU A 155 3.58 -27.70 4.22
N ASP A 156 4.88 -27.93 4.12
CA ASP A 156 5.46 -29.16 4.65
C ASP A 156 5.77 -29.05 6.14
N SER A 157 6.56 -30.00 6.61
CA SER A 157 6.91 -30.12 8.02
C SER A 157 8.04 -29.17 8.45
N SER A 158 8.99 -28.93 7.54
CA SER A 158 10.25 -28.30 7.91
C SER A 158 10.16 -26.84 8.39
N VAL A 159 9.00 -26.22 8.19
CA VAL A 159 8.85 -24.76 8.37
C VAL A 159 8.89 -24.29 9.84
N ARG A 160 10.00 -23.70 10.24
CA ARG A 160 10.07 -23.13 11.57
C ARG A 160 9.85 -21.64 11.45
N GLY A 161 9.58 -20.98 12.58
CA GLY A 161 9.52 -19.53 12.66
C GLY A 161 8.19 -18.92 12.28
N ARG A 162 8.23 -17.69 11.79
CA ARG A 162 7.02 -16.96 11.38
C ARG A 162 6.82 -16.87 9.86
N LEU A 163 5.61 -16.52 9.44
CA LEU A 163 5.30 -16.51 8.01
C LEU A 163 4.66 -15.19 7.54
N ASP A 164 5.04 -14.76 6.34
CA ASP A 164 4.38 -13.65 5.63
C ASP A 164 3.14 -14.17 4.89
N VAL A 165 1.98 -13.63 5.20
CA VAL A 165 0.77 -13.99 4.48
C VAL A 165 0.14 -12.80 3.76
N GLU A 166 -0.45 -13.05 2.59
CA GLU A 166 -1.13 -12.03 1.81
C GLU A 166 -2.38 -12.59 1.11
N VAL A 167 -3.55 -12.08 1.46
CA VAL A 167 -4.74 -12.42 0.70
C VAL A 167 -4.94 -11.40 -0.42
N ILE A 168 -5.17 -11.87 -1.63
CA ILE A 168 -5.23 -10.96 -2.75
C ILE A 168 -6.60 -11.11 -3.41
N GLU A 169 -7.55 -10.31 -2.94
CA GLU A 169 -8.96 -10.37 -3.36
C GLU A 169 -9.24 -10.06 -4.84
N GLN A 170 -10.27 -10.67 -5.41
CA GLN A 170 -10.52 -10.55 -6.85
C GLN A 170 -10.90 -9.13 -7.22
N ASN A 171 -11.15 -8.34 -6.17
CA ASN A 171 -11.78 -7.05 -6.33
C ASN A 171 -10.81 -5.89 -6.23
N GLY A 172 -9.69 -6.10 -5.56
CA GLY A 172 -8.67 -5.08 -5.52
C GLY A 172 -8.02 -4.93 -4.16
N ARG A 173 -8.71 -5.35 -3.11
CA ARG A 173 -8.29 -5.10 -1.74
C ARG A 173 -7.30 -6.27 -1.68
N LYS A 174 -6.05 -6.01 -1.28
CA LYS A 174 -5.06 -7.09 -1.08
C LYS A 174 -5.40 -6.93 0.43
N LYS A 175 -5.25 -7.98 1.24
CA LYS A 175 -5.37 -7.82 2.69
C LYS A 175 -3.99 -8.44 2.95
N THR A 176 -3.60 -8.51 4.22
CA THR A 176 -2.25 -8.94 4.58
C THR A 176 -2.12 -9.24 6.07
N PHE A 177 -1.35 -10.26 6.43
CA PHE A 177 -1.08 -10.52 7.84
C PHE A 177 0.20 -11.31 8.16
N GLN A 178 0.28 -11.81 9.38
CA GLN A 178 1.48 -12.52 9.85
C GLN A 178 1.19 -13.72 10.76
N VAL A 179 1.77 -14.87 10.43
CA VAL A 179 1.59 -16.08 11.23
C VAL A 179 2.91 -16.58 11.78
N ASP A 180 2.83 -17.24 12.93
CA ASP A 180 4.01 -17.81 13.56
C ASP A 180 3.81 -19.27 13.95
N THR A 181 4.46 -20.15 13.18
CA THR A 181 4.34 -21.58 13.36
C THR A 181 4.57 -21.91 14.82
N ALA A 182 4.15 -23.10 15.21
CA ALA A 182 4.41 -23.60 16.55
C ALA A 182 5.80 -24.25 16.61
N SER A 183 6.77 -23.53 17.16
CA SER A 183 8.09 -24.11 17.40
C SER A 183 8.00 -25.13 18.54
N VAL A 184 7.91 -26.41 18.19
CA VAL A 184 7.82 -27.52 19.14
C VAL A 184 9.16 -27.77 19.84
N PRO A 185 9.13 -27.95 21.17
CA PRO A 185 10.26 -28.13 22.09
C PRO A 185 11.38 -28.98 21.53
N TYR A 186 12.61 -28.70 21.93
CA TYR A 186 13.77 -29.38 21.39
C TYR A 186 14.20 -30.59 22.24
N LEU A 187 13.28 -31.53 22.41
CA LEU A 187 13.46 -32.67 23.33
C LEU A 187 14.11 -33.89 22.68
N THR A 188 14.51 -34.88 23.49
CA THR A 188 15.11 -36.14 22.99
C THR A 188 14.85 -37.37 23.88
N ARG A 189 14.86 -38.54 23.25
CA ARG A 189 14.66 -39.82 23.94
C ARG A 189 15.93 -40.26 24.65
N PRO A 190 15.82 -40.50 25.96
CA PRO A 190 16.92 -40.70 26.90
C PRO A 190 18.21 -41.11 26.21
N GLY A 191 18.22 -42.31 25.67
CA GLY A 191 19.41 -42.84 25.06
C GLY A 191 20.09 -41.89 24.10
N GLN A 192 19.32 -41.36 23.15
CA GLN A 192 19.87 -40.64 22.00
C GLN A 192 20.05 -39.10 22.14
N VAL A 193 20.61 -38.52 21.07
CA VAL A 193 20.89 -37.08 20.97
C VAL A 193 20.71 -36.53 19.55
N ARG A 194 20.13 -35.33 19.46
CA ARG A 194 19.84 -34.64 18.19
C ARG A 194 20.67 -33.37 18.02
N TYR A 195 20.91 -33.00 16.77
CA TYR A 195 21.77 -31.87 16.51
C TYR A 195 21.74 -31.47 15.05
N LYS A 196 22.04 -30.20 14.79
CA LYS A 196 22.38 -29.75 13.45
C LYS A 196 23.76 -29.12 13.50
N LEU A 197 24.51 -29.24 12.42
CA LEU A 197 25.77 -28.52 12.28
C LEU A 197 25.83 -27.84 10.90
N VAL A 198 25.62 -26.51 10.85
CA VAL A 198 25.64 -25.82 9.56
C VAL A 198 26.79 -24.79 9.46
N SER A 199 27.27 -24.56 8.25
CA SER A 199 28.34 -23.59 8.03
C SER A 199 28.52 -23.19 6.56
N GLY A 200 28.39 -21.90 6.29
CA GLY A 200 28.60 -21.34 4.97
C GLY A 200 28.73 -19.83 5.01
N ARG A 201 28.38 -19.19 3.90
CA ARG A 201 28.37 -17.74 3.87
C ARG A 201 26.95 -17.29 3.56
N SER A 202 26.40 -16.41 4.39
CA SER A 202 25.07 -15.85 4.17
C SER A 202 24.83 -15.46 2.71
N ARG A 203 23.65 -15.79 2.19
CA ARG A 203 23.35 -15.70 0.76
C ARG A 203 22.57 -14.45 0.37
N GLY A 204 23.08 -13.73 -0.64
CA GLY A 204 22.32 -12.69 -1.30
C GLY A 204 22.13 -11.42 -0.51
N TYR A 205 23.02 -10.46 -0.75
CA TYR A 205 22.99 -9.15 -0.07
C TYR A 205 23.66 -7.99 -0.82
N GLY A 211 28.75 -13.23 0.30
CA GLY A 211 28.76 -12.69 1.65
C GLY A 211 29.91 -13.12 2.56
N PRO A 212 29.75 -12.86 3.87
CA PRO A 212 30.65 -13.12 5.02
C PRO A 212 30.55 -14.54 5.53
N VAL A 213 31.66 -15.17 5.94
CA VAL A 213 31.59 -16.55 6.40
C VAL A 213 31.06 -16.71 7.85
N PHE A 214 30.71 -17.95 8.22
CA PHE A 214 30.14 -18.29 9.53
C PHE A 214 29.87 -19.79 9.68
N ALA A 215 29.68 -20.23 10.93
CA ALA A 215 29.36 -21.63 11.24
C ALA A 215 28.53 -21.75 12.53
N THR A 216 27.37 -22.38 12.42
CA THR A 216 26.41 -22.47 13.51
C THR A 216 26.14 -23.94 13.86
N GLY A 217 25.46 -24.17 14.98
CA GLY A 217 25.19 -25.53 15.43
C GLY A 217 24.49 -25.67 16.78
N GLU A 218 23.63 -26.67 16.90
CA GLU A 218 22.84 -26.83 18.10
C GLU A 218 22.62 -28.30 18.34
N ALA A 219 22.61 -28.68 19.62
CA ALA A 219 22.30 -30.03 20.06
C ALA A 219 21.36 -30.02 21.26
N SER A 220 20.93 -31.23 21.62
CA SER A 220 19.91 -31.46 22.63
C SER A 220 20.08 -32.85 23.23
N TRP A 221 20.42 -32.93 24.52
CA TRP A 221 20.68 -34.24 25.11
C TRP A 221 19.48 -34.80 25.82
N GLY A 222 19.26 -36.08 25.63
CA GLY A 222 18.21 -36.79 26.35
C GLY A 222 18.90 -36.94 27.69
N LEU A 223 18.52 -36.12 28.67
CA LEU A 223 18.88 -36.39 30.06
C LEU A 223 17.46 -36.65 30.54
N SER A 224 16.64 -36.99 29.56
CA SER A 224 15.18 -37.07 29.64
C SER A 224 14.77 -38.42 30.21
N ASN A 225 14.45 -38.44 31.48
CA ASN A 225 13.40 -39.34 31.93
C ASN A 225 12.18 -38.71 31.28
N GLN A 226 12.03 -37.41 31.55
CA GLN A 226 11.07 -36.53 30.90
C GLN A 226 11.73 -35.15 30.68
N TRP A 227 13.01 -35.06 31.03
CA TRP A 227 13.76 -33.80 30.95
C TRP A 227 14.97 -33.92 30.05
N SER A 228 14.97 -33.23 28.91
CA SER A 228 16.22 -33.10 28.17
C SER A 228 16.70 -31.65 28.22
N LEU A 229 17.94 -31.42 27.82
CA LEU A 229 18.47 -30.06 27.79
C LEU A 229 19.44 -29.81 26.64
N TYR A 230 19.35 -28.60 26.09
CA TYR A 230 19.92 -28.31 24.79
C TYR A 230 20.52 -26.91 24.70
N GLY A 231 21.41 -26.75 23.74
CA GLY A 231 22.09 -25.48 23.57
C GLY A 231 22.69 -25.48 22.19
N GLY A 232 23.44 -24.42 21.88
CA GLY A 232 24.03 -24.22 20.57
C GLY A 232 24.50 -22.80 20.41
N ALA A 233 25.14 -22.50 19.30
CA ALA A 233 25.62 -21.14 19.13
C ALA A 233 25.97 -20.76 17.70
N VAL A 234 25.67 -19.51 17.38
CA VAL A 234 25.95 -18.91 16.10
C VAL A 234 27.37 -18.31 16.12
N LEU A 235 28.11 -18.47 15.03
CA LEU A 235 29.46 -17.90 14.91
C LEU A 235 29.68 -17.31 13.53
N ALA A 236 29.80 -15.98 13.47
CA ALA A 236 29.83 -15.27 12.18
C ALA A 236 30.71 -14.01 12.09
N GLY A 237 31.96 -14.12 12.53
CA GLY A 237 32.89 -13.02 12.52
C GLY A 237 32.45 -11.98 13.53
N ASP A 238 32.01 -10.82 13.01
CA ASP A 238 31.52 -9.72 13.83
C ASP A 238 30.36 -10.12 14.74
N TYR A 239 29.55 -11.08 14.28
CA TYR A 239 28.34 -11.46 15.00
C TYR A 239 28.50 -12.86 15.58
N ASN A 240 28.09 -12.99 16.85
CA ASN A 240 27.99 -14.28 17.51
C ASN A 240 26.83 -14.29 18.46
N ALA A 241 26.16 -15.43 18.55
CA ALA A 241 25.02 -15.59 19.46
C ALA A 241 25.13 -16.91 20.21
N LEU A 242 24.54 -16.94 21.39
CA LEU A 242 24.63 -18.11 22.23
C LEU A 242 23.30 -18.37 22.94
N ALA A 243 22.89 -19.63 23.02
CA ALA A 243 21.60 -19.96 23.60
C ALA A 243 21.70 -21.30 24.31
N ALA A 244 20.82 -21.49 25.28
CA ALA A 244 20.76 -22.76 25.99
C ALA A 244 19.47 -22.90 26.80
N GLY A 245 18.81 -24.03 26.65
CA GLY A 245 17.58 -24.28 27.39
C GLY A 245 17.42 -25.76 27.74
N ALA A 246 16.37 -26.06 28.50
CA ALA A 246 15.98 -27.44 28.78
C ALA A 246 14.51 -27.59 28.42
N GLY A 247 13.97 -28.78 28.65
CA GLY A 247 12.61 -29.05 28.25
C GLY A 247 12.10 -30.31 28.86
N TRP A 248 10.82 -30.31 29.20
CA TRP A 248 10.26 -31.27 30.15
C TRP A 248 8.93 -31.86 29.65
N ASP A 249 8.96 -33.12 29.23
CA ASP A 249 7.75 -33.80 28.76
C ASP A 249 6.86 -34.27 29.90
N LEU A 250 5.70 -33.63 30.04
CA LEU A 250 4.82 -33.90 31.16
C LEU A 250 3.83 -35.03 30.85
N GLY A 251 3.90 -35.55 29.63
CA GLY A 251 2.99 -36.58 29.17
C GLY A 251 1.71 -36.03 28.58
N VAL A 252 0.62 -36.22 29.31
CA VAL A 252 -0.70 -35.86 28.83
C VAL A 252 -1.04 -34.37 29.02
N PRO A 253 -0.48 -33.75 30.07
CA PRO A 253 -0.78 -32.32 30.22
C PRO A 253 -0.02 -31.42 29.20
N GLY A 254 0.91 -32.00 28.46
CA GLY A 254 1.60 -31.27 27.41
C GLY A 254 3.12 -31.36 27.42
N THR A 255 3.75 -30.32 26.86
CA THR A 255 5.21 -30.19 26.87
C THR A 255 5.58 -28.76 27.26
N LEU A 256 6.85 -28.56 27.64
CA LEU A 256 7.29 -27.26 28.12
C LEU A 256 8.79 -27.13 27.96
N SER A 257 9.23 -25.96 27.51
CA SER A 257 10.66 -25.65 27.44
C SER A 257 10.91 -24.18 27.66
N ALA A 258 12.18 -23.82 27.80
CA ALA A 258 12.59 -22.44 28.02
C ALA A 258 14.08 -22.28 27.77
N ASP A 259 14.46 -21.15 27.20
CA ASP A 259 15.87 -20.95 26.92
C ASP A 259 16.25 -19.49 26.89
N ILE A 260 17.51 -19.22 27.19
CA ILE A 260 18.03 -17.87 27.13
C ILE A 260 18.94 -17.89 25.93
N THR A 261 19.18 -16.70 25.39
CA THR A 261 20.02 -16.57 24.22
C THR A 261 20.58 -15.15 24.13
N GLN A 262 21.84 -15.01 23.73
CA GLN A 262 22.48 -13.71 23.66
C GLN A 262 23.14 -13.26 22.34
N SER A 263 22.82 -12.03 21.96
CA SER A 263 23.40 -11.37 20.81
C SER A 263 24.73 -10.70 21.14
N VAL A 264 25.56 -10.54 20.12
CA VAL A 264 26.79 -9.73 20.13
C VAL A 264 27.11 -9.36 18.69
N ALA A 265 27.04 -8.09 18.37
CA ALA A 265 27.21 -7.68 16.98
C ALA A 265 27.98 -6.37 16.85
N ARG A 266 29.23 -6.47 16.41
CA ARG A 266 30.06 -5.29 16.16
C ARG A 266 30.05 -4.99 14.67
N ILE A 267 30.01 -3.70 14.33
CA ILE A 267 30.01 -3.28 12.95
C ILE A 267 31.10 -2.24 12.75
N GLU A 268 32.25 -2.72 12.31
CA GLU A 268 33.49 -1.93 12.23
C GLU A 268 33.29 -0.54 11.62
N ARG A 271 29.84 0.78 16.41
CA ARG A 271 29.24 0.33 17.65
C ARG A 271 29.03 -1.18 17.65
N THR A 272 29.00 -1.78 18.85
CA THR A 272 28.65 -3.19 19.03
C THR A 272 27.46 -3.40 20.01
N PHE A 273 26.36 -3.92 19.46
CA PHE A 273 25.08 -4.04 20.17
C PHE A 273 25.03 -5.30 21.02
N GLN A 274 24.30 -5.23 22.13
CA GLN A 274 24.24 -6.33 23.09
C GLN A 274 22.85 -6.45 23.70
N GLY A 275 22.43 -7.68 23.97
CA GLY A 275 21.14 -7.93 24.57
C GLY A 275 20.79 -9.39 24.46
N LYS A 276 19.88 -9.86 25.33
CA LYS A 276 19.48 -11.27 25.35
C LYS A 276 17.95 -11.47 25.33
N SER A 277 17.54 -12.68 24.97
CA SER A 277 16.12 -13.03 24.92
C SER A 277 15.79 -14.35 25.58
N TRP A 278 14.65 -14.38 26.27
CA TRP A 278 14.14 -15.60 26.88
C TRP A 278 12.95 -16.08 26.06
N ARG A 279 12.51 -17.30 26.31
CA ARG A 279 11.39 -17.83 25.57
C ARG A 279 10.73 -19.03 26.24
N LEU A 280 9.40 -19.04 26.22
CA LEU A 280 8.61 -20.13 26.75
C LEU A 280 7.97 -20.96 25.64
N SER A 281 7.94 -22.27 25.84
CA SER A 281 7.28 -23.17 24.90
C SER A 281 6.23 -24.04 25.62
N TYR A 282 4.99 -23.97 25.17
CA TYR A 282 3.96 -24.89 25.64
C TYR A 282 3.39 -25.75 24.51
N SER A 283 4.07 -26.85 24.22
CA SER A 283 3.56 -27.81 23.24
C SER A 283 2.54 -28.73 23.89
N LYS A 284 1.74 -29.41 23.08
CA LYS A 284 0.91 -30.52 23.54
C LYS A 284 0.42 -31.31 22.35
N ARG A 285 0.64 -32.63 22.32
CA ARG A 285 0.16 -33.43 21.20
C ARG A 285 -0.46 -34.76 21.60
N ILE A 293 -4.56 -30.47 19.08
CA ILE A 293 -3.28 -29.95 19.58
C ILE A 293 -3.40 -28.56 20.18
N THR A 294 -2.45 -28.21 21.05
CA THR A 294 -2.39 -26.89 21.66
C THR A 294 -0.96 -26.42 21.94
N PHE A 295 -0.55 -25.35 21.26
CA PHE A 295 0.75 -24.75 21.50
C PHE A 295 0.60 -23.31 21.97
N ALA A 296 1.50 -22.88 22.86
CA ALA A 296 1.59 -21.48 23.24
C ALA A 296 3.05 -21.11 23.45
N GLY A 297 3.40 -19.89 23.06
CA GLY A 297 4.77 -19.45 23.13
C GLY A 297 4.88 -17.99 23.51
N TYR A 298 5.98 -17.67 24.20
CA TYR A 298 6.31 -16.29 24.60
C TYR A 298 7.78 -16.03 24.42
N ARG A 299 8.09 -14.96 23.70
CA ARG A 299 9.47 -14.54 23.55
C ARG A 299 9.61 -13.12 24.02
N PHE A 300 10.66 -12.87 24.80
CA PHE A 300 11.04 -11.52 25.17
C PHE A 300 12.51 -11.28 24.83
N SER A 301 12.78 -10.19 24.12
CA SER A 301 14.14 -9.84 23.70
C SER A 301 14.55 -8.44 24.16
N GLU A 302 15.84 -8.25 24.36
CA GLU A 302 16.32 -6.99 24.92
C GLU A 302 16.61 -5.89 23.89
N ARG A 303 16.53 -4.64 24.35
CA ARG A 303 16.69 -3.47 23.51
C ARG A 303 17.51 -3.71 22.26
N ASN A 304 18.80 -4.00 22.42
CA ASN A 304 19.64 -4.16 21.25
C ASN A 304 20.00 -5.61 21.01
N TYR A 305 19.03 -6.50 21.20
CA TYR A 305 19.23 -7.91 20.86
C TYR A 305 18.90 -8.13 19.40
N MET A 306 19.69 -8.97 18.73
CA MET A 306 19.63 -9.11 17.28
C MET A 306 19.80 -10.53 16.76
N THR A 307 18.73 -11.10 16.22
CA THR A 307 18.77 -12.39 15.54
C THR A 307 19.57 -12.23 14.26
N MET A 308 20.56 -13.08 14.01
CA MET A 308 21.40 -12.94 12.82
C MET A 308 20.71 -12.38 11.57
N GLU A 309 19.45 -12.74 11.35
CA GLU A 309 18.73 -12.13 10.23
C GLU A 309 18.68 -10.63 10.42
N GLN A 310 18.18 -10.20 11.58
CA GLN A 310 18.08 -8.79 11.92
C GLN A 310 19.39 -8.00 11.74
N TYR A 311 20.51 -8.61 12.13
CA TYR A 311 21.82 -7.97 12.03
C TYR A 311 22.35 -7.93 10.60
N LEU A 312 21.80 -8.78 9.74
CA LEU A 312 22.14 -8.70 8.32
C LEU A 312 21.34 -7.54 7.67
N ASN A 313 20.05 -7.49 7.98
CA ASN A 313 19.20 -6.41 7.51
C ASN A 313 19.69 -5.10 8.06
N ALA A 314 20.45 -5.15 9.14
CA ALA A 314 21.16 -3.97 9.63
C ALA A 314 22.48 -3.81 8.87
N ARG A 315 23.47 -4.62 9.22
CA ARG A 315 24.81 -4.45 8.64
C ARG A 315 24.96 -4.41 7.10
N TYR A 316 23.89 -4.58 6.33
CA TYR A 316 24.06 -4.64 4.88
C TYR A 316 22.93 -3.93 4.11
N ARG A 317 21.83 -3.65 4.82
CA ARG A 317 20.72 -2.89 4.26
C ARG A 317 20.45 -1.61 5.05
N ASN A 318 21.24 -1.42 6.11
CA ASN A 318 21.18 -0.26 7.00
C ASN A 318 19.80 -0.18 7.65
N ASP A 319 19.25 -1.34 7.99
CA ASP A 319 17.94 -1.42 8.62
C ASP A 319 18.11 -1.95 10.05
N TYR A 320 17.73 -1.14 11.03
CA TYR A 320 17.75 -1.55 12.42
C TYR A 320 16.34 -1.48 12.93
N SER A 321 15.38 -1.55 12.01
CA SER A 321 13.97 -1.37 12.35
C SER A 321 13.36 -2.62 12.96
N SER A 322 12.04 -2.61 13.07
CA SER A 322 11.29 -3.75 13.60
C SER A 322 12.06 -4.41 14.76
N ARG A 323 12.34 -3.64 15.80
CA ARG A 323 12.96 -4.18 16.99
C ARG A 323 11.95 -5.04 17.74
N GLU A 324 12.29 -6.32 17.91
CA GLU A 324 11.40 -7.28 18.54
C GLU A 324 11.44 -7.19 20.07
N LYS A 325 10.25 -7.15 20.68
CA LYS A 325 10.14 -6.89 22.11
C LYS A 325 9.38 -7.97 22.89
N GLU A 326 8.05 -7.93 22.81
CA GLU A 326 7.15 -8.89 23.47
C GLU A 326 6.26 -9.65 22.47
N MET A 327 6.69 -10.84 22.07
CA MET A 327 5.85 -11.69 21.21
C MET A 327 5.03 -12.71 22.01
N TYR A 328 3.85 -13.00 21.52
CA TYR A 328 2.98 -13.92 22.21
C TYR A 328 2.08 -14.66 21.23
N THR A 329 2.24 -15.99 21.15
CA THR A 329 1.42 -16.78 20.23
C THR A 329 0.76 -18.01 20.82
N VAL A 330 -0.42 -18.30 20.29
CA VAL A 330 -1.11 -19.54 20.58
C VAL A 330 -1.55 -20.12 19.24
N THR A 331 -1.63 -21.45 19.17
CA THR A 331 -2.33 -22.14 18.10
C THR A 331 -3.30 -23.05 18.80
N LEU A 332 -4.56 -23.11 18.34
CA LEU A 332 -5.51 -24.02 18.96
C LEU A 332 -6.58 -24.52 18.02
N ASN A 333 -6.63 -25.84 17.89
CA ASN A 333 -7.72 -26.51 17.18
C ASN A 333 -8.35 -27.45 18.17
N LYS A 334 -9.59 -27.20 18.59
CA LYS A 334 -10.20 -28.07 19.59
C LYS A 334 -11.59 -28.61 19.23
N ASN A 335 -11.69 -29.95 19.21
CA ASN A 335 -12.93 -30.66 18.81
C ASN A 335 -13.56 -31.45 19.97
N VAL A 336 -14.83 -31.20 20.28
CA VAL A 336 -15.53 -31.88 21.38
C VAL A 336 -16.52 -32.97 20.92
N ASN A 340 -18.78 -32.18 19.25
CA ASN A 340 -19.82 -31.61 18.39
C ASN A 340 -19.65 -30.11 18.12
N THR A 341 -18.43 -29.72 17.77
CA THR A 341 -18.11 -28.33 17.44
C THR A 341 -16.63 -28.38 17.00
N SER A 342 -16.08 -27.26 16.52
CA SER A 342 -14.66 -27.22 16.14
C SER A 342 -14.31 -25.83 16.57
N PHE A 343 -13.11 -25.68 17.12
CA PHE A 343 -12.71 -24.45 17.79
C PHE A 343 -11.28 -24.08 17.45
N ASN A 344 -11.05 -23.64 16.23
CA ASN A 344 -9.72 -23.27 15.82
C ASN A 344 -9.42 -21.79 16.10
N LEU A 345 -8.40 -21.57 16.93
CA LEU A 345 -7.98 -20.24 17.32
C LEU A 345 -6.49 -20.11 17.05
N GLN A 346 -6.11 -19.00 16.45
CA GLN A 346 -4.71 -18.75 16.11
C GLN A 346 -4.34 -17.28 16.39
N TYR A 347 -3.77 -17.05 17.56
CA TYR A 347 -3.42 -15.69 17.98
C TYR A 347 -1.92 -15.40 18.00
N SER A 348 -1.57 -14.14 17.82
CA SER A 348 -0.17 -13.72 17.76
C SER A 348 0.02 -12.20 17.89
N ARG A 349 0.73 -11.80 18.93
CA ARG A 349 1.00 -10.39 19.19
C ARG A 349 2.50 -10.15 19.23
N GLN A 350 2.97 -9.14 18.51
CA GLN A 350 4.35 -8.70 18.64
C GLN A 350 4.42 -7.21 18.94
N THR A 351 4.82 -6.89 20.16
CA THR A 351 5.08 -5.52 20.57
C THR A 351 6.51 -5.14 20.19
N TYR A 352 6.69 -3.98 19.59
CA TYR A 352 8.02 -3.54 19.15
C TYR A 352 8.58 -2.38 19.98
N TRP A 353 9.91 -2.26 19.98
CA TRP A 353 10.56 -1.15 20.64
C TRP A 353 10.27 0.12 19.86
N ASP A 354 10.59 0.09 18.57
CA ASP A 354 10.57 1.27 17.73
C ASP A 354 9.32 1.43 16.90
N ILE A 355 8.66 0.34 16.55
CA ILE A 355 7.42 0.40 15.76
C ILE A 355 6.22 -0.04 16.61
N ARG A 356 5.04 0.45 16.26
CA ARG A 356 3.87 0.22 17.10
C ARG A 356 3.43 -1.25 17.16
N LYS A 357 2.70 -1.58 18.22
CA LYS A 357 2.25 -2.94 18.52
C LYS A 357 1.60 -3.67 17.33
N THR A 358 1.89 -4.96 17.20
CA THR A 358 1.34 -5.79 16.11
C THR A 358 0.32 -6.83 16.60
N ASP A 359 -0.86 -6.80 15.99
CA ASP A 359 -1.96 -7.64 16.43
C ASP A 359 -2.55 -8.47 15.27
N TYR A 360 -2.34 -9.79 15.33
CA TYR A 360 -3.11 -10.70 14.46
C TYR A 360 -3.78 -11.90 15.16
N TYR A 361 -5.08 -12.04 14.94
CA TYR A 361 -5.95 -12.90 15.71
C TYR A 361 -7.07 -13.35 14.78
N THR A 362 -7.27 -14.65 14.71
CA THR A 362 -8.28 -15.22 13.83
C THR A 362 -8.93 -16.47 14.43
N VAL A 363 -10.22 -16.41 14.69
CA VAL A 363 -10.88 -17.53 15.33
C VAL A 363 -12.02 -17.98 14.48
N SER A 364 -12.33 -19.27 14.59
CA SER A 364 -13.40 -19.90 13.85
C SER A 364 -14.10 -20.89 14.74
N VAL A 365 -15.40 -20.73 14.88
CA VAL A 365 -16.23 -21.67 15.64
C VAL A 365 -17.21 -22.41 14.71
N ASN A 366 -17.14 -23.74 14.74
CA ASN A 366 -17.87 -24.56 13.79
C ASN A 366 -18.75 -25.49 14.63
N ARG A 367 -20.03 -25.55 14.32
CA ARG A 367 -20.95 -26.42 15.04
C ARG A 367 -21.44 -27.37 13.97
N TYR A 368 -21.57 -28.64 14.35
CA TYR A 368 -21.95 -29.68 13.41
C TYR A 368 -23.16 -30.49 13.91
N PHE A 369 -24.25 -29.80 14.19
CA PHE A 369 -25.51 -30.44 14.66
C PHE A 369 -25.64 -31.89 14.24
N VAL A 377 -26.35 -30.83 9.01
CA VAL A 377 -26.19 -29.39 8.92
C VAL A 377 -24.88 -29.02 9.61
N ALA A 378 -24.38 -27.81 9.36
CA ALA A 378 -23.14 -27.36 9.97
C ALA A 378 -23.06 -25.85 9.94
N VAL A 379 -22.56 -25.26 11.00
CA VAL A 379 -22.50 -23.81 11.07
C VAL A 379 -21.12 -23.33 11.48
N GLY A 380 -20.65 -22.28 10.82
CA GLY A 380 -19.38 -21.66 11.15
C GLY A 380 -19.49 -20.17 11.33
N LEU A 381 -19.07 -19.70 12.50
CA LEU A 381 -18.97 -18.28 12.79
C LEU A 381 -17.48 -17.95 12.88
N SER A 382 -17.05 -16.81 12.34
CA SER A 382 -15.61 -16.56 12.28
C SER A 382 -15.12 -15.12 12.37
N ALA A 383 -14.04 -14.94 13.11
CA ALA A 383 -13.44 -13.63 13.30
C ALA A 383 -11.99 -13.58 12.83
N SER A 384 -11.50 -12.37 12.61
CA SER A 384 -10.11 -12.18 12.19
C SER A 384 -9.83 -10.69 12.05
N ARG A 385 -8.58 -10.30 12.26
CA ARG A 385 -8.20 -8.89 12.11
C ARG A 385 -6.85 -8.65 11.42
N SER A 386 -6.86 -8.62 10.09
CA SER A 386 -5.67 -8.35 9.31
C SER A 386 -5.07 -6.98 9.58
N ARG A 391 -3.12 -0.62 7.31
CA ARG A 391 -3.97 -0.26 8.45
C ARG A 391 -4.87 -1.43 8.88
N ASP A 392 -5.13 -1.52 10.18
CA ASP A 392 -5.85 -2.66 10.80
C ASP A 392 -7.20 -3.00 10.16
N ASN A 393 -7.47 -4.30 10.05
CA ASN A 393 -8.72 -4.79 9.44
C ASN A 393 -9.55 -5.71 10.36
N ASP A 394 -10.83 -5.89 10.01
CA ASP A 394 -11.73 -6.78 10.74
C ASP A 394 -12.74 -7.47 9.82
N SER A 395 -12.71 -8.80 9.84
CA SER A 395 -13.69 -9.60 9.14
C SER A 395 -14.45 -10.47 10.12
N ALA A 396 -15.77 -10.47 10.00
CA ALA A 396 -16.59 -11.46 10.68
C ALA A 396 -17.30 -12.18 9.57
N TYR A 397 -17.45 -13.49 9.72
CA TYR A 397 -18.02 -14.30 8.67
C TYR A 397 -18.81 -15.44 9.29
N LEU A 398 -20.10 -15.50 8.96
CA LEU A 398 -20.95 -16.59 9.42
C LEU A 398 -21.54 -17.39 8.24
N ARG A 399 -21.21 -18.68 8.18
CA ARG A 399 -21.67 -19.53 7.11
C ARG A 399 -22.53 -20.60 7.75
N ILE A 400 -23.30 -21.31 6.94
CA ILE A 400 -24.29 -22.28 7.40
C ILE A 400 -24.59 -23.18 6.21
N SER A 401 -24.92 -24.46 6.43
CA SER A 401 -24.92 -25.43 5.31
C SER A 401 -25.74 -26.73 5.50
N VAL A 402 -26.49 -27.09 4.46
CA VAL A 402 -27.46 -28.21 4.49
C VAL A 402 -27.25 -29.26 3.40
N PRO A 403 -27.09 -30.53 3.79
CA PRO A 403 -26.87 -31.67 2.88
C PRO A 403 -28.02 -31.99 1.91
N LEU A 404 -27.90 -33.11 1.18
CA LEU A 404 -28.79 -33.47 0.06
C LEU A 404 -28.35 -34.76 -0.64
N THR A 408 -24.97 -30.48 -1.36
CA THR A 408 -24.98 -29.59 -0.21
C THR A 408 -25.33 -28.14 -0.56
N ALA A 409 -26.19 -27.50 0.22
CA ALA A 409 -26.52 -26.09 -0.04
C ALA A 409 -26.24 -25.22 1.18
N SER A 410 -26.20 -23.90 0.95
CA SER A 410 -25.71 -23.04 2.00
C SER A 410 -26.01 -21.55 1.79
N TYR A 411 -26.21 -20.86 2.91
CA TYR A 411 -26.34 -19.41 2.92
C TYR A 411 -25.13 -18.86 3.66
N SER A 412 -24.92 -17.54 3.63
CA SER A 412 -23.79 -16.96 4.35
C SER A 412 -23.94 -15.49 4.71
N GLY A 413 -22.89 -14.94 5.33
CA GLY A 413 -22.90 -13.55 5.77
C GLY A 413 -21.49 -13.13 6.10
N SER A 414 -21.14 -11.90 5.76
CA SER A 414 -19.75 -11.49 5.77
C SER A 414 -19.59 -9.97 6.04
N MET A 415 -18.82 -9.61 7.08
CA MET A 415 -18.60 -8.20 7.40
C MET A 415 -17.28 -7.70 6.82
N SER A 416 -17.16 -6.38 6.64
CA SER A 416 -15.93 -5.78 6.12
C SER A 416 -15.96 -4.25 6.16
N ARG A 419 -18.65 -2.58 4.45
CA ARG A 419 -19.00 -3.51 3.36
C ARG A 419 -19.54 -4.90 3.83
N TYR A 420 -20.85 -4.99 4.04
CA TYR A 420 -21.47 -6.26 4.44
C TYR A 420 -21.88 -7.03 3.17
N VAL A 421 -22.05 -8.35 3.28
CA VAL A 421 -22.30 -9.22 2.11
C VAL A 421 -23.08 -10.54 2.40
N ASN A 422 -24.17 -10.74 1.66
CA ASN A 422 -25.04 -11.89 1.88
C ASN A 422 -25.27 -12.71 0.61
N MET A 423 -25.09 -14.02 0.72
CA MET A 423 -25.11 -14.92 -0.42
C MET A 423 -25.75 -16.24 -0.01
N ALA A 424 -26.30 -16.94 -1.00
CA ALA A 424 -26.63 -18.35 -0.84
C ALA A 424 -26.15 -19.12 -2.06
N GLY A 425 -26.09 -20.44 -1.98
CA GLY A 425 -25.54 -21.20 -3.08
C GLY A 425 -25.53 -22.70 -2.85
N TYR A 426 -25.10 -23.43 -3.86
CA TYR A 426 -25.14 -24.88 -3.85
C TYR A 426 -23.80 -25.43 -4.30
N THR A 427 -23.41 -26.56 -3.74
CA THR A 427 -22.18 -27.21 -4.15
C THR A 427 -22.33 -28.73 -4.37
N ASP A 428 -21.98 -29.18 -5.57
CA ASP A 428 -21.88 -30.61 -5.86
C ASP A 428 -20.48 -31.07 -5.60
N THR A 429 -20.29 -32.39 -5.67
CA THR A 429 -19.01 -32.99 -5.34
C THR A 429 -19.01 -34.41 -5.88
N PHE A 430 -17.93 -34.83 -6.54
CA PHE A 430 -18.04 -36.01 -7.38
C PHE A 430 -16.75 -36.73 -7.88
N ASN A 431 -16.18 -37.60 -7.05
CA ASN A 431 -15.18 -38.59 -7.52
C ASN A 431 -14.84 -39.70 -6.51
N ASP A 435 -12.75 -33.79 -6.84
CA ASP A 435 -13.63 -33.03 -7.73
C ASP A 435 -14.88 -32.48 -7.05
N SER A 436 -15.12 -31.19 -7.27
CA SER A 436 -16.32 -30.52 -6.79
C SER A 436 -16.46 -29.19 -7.50
N TYR A 437 -17.64 -28.60 -7.37
CA TYR A 437 -18.00 -27.44 -8.14
C TYR A 437 -19.24 -26.80 -7.51
N SER A 438 -19.12 -25.53 -7.16
CA SER A 438 -20.17 -24.86 -6.40
C SER A 438 -20.55 -23.52 -7.00
N LEU A 439 -21.82 -23.15 -6.85
CA LEU A 439 -22.36 -21.93 -7.44
C LEU A 439 -22.96 -21.06 -6.37
N ASN A 440 -22.90 -19.75 -6.54
CA ASN A 440 -23.48 -18.84 -5.56
C ASN A 440 -24.04 -17.53 -6.11
N ALA A 441 -25.19 -17.14 -5.58
CA ALA A 441 -25.81 -15.85 -5.87
C ALA A 441 -26.04 -15.10 -4.57
N GLY A 442 -26.02 -13.76 -4.63
CA GLY A 442 -26.22 -12.92 -3.46
C GLY A 442 -26.06 -11.42 -3.68
N LEU A 443 -26.03 -10.65 -2.59
CA LEU A 443 -25.92 -9.19 -2.68
C LEU A 443 -24.76 -8.54 -1.89
N ASN A 444 -23.95 -7.76 -2.61
CA ASN A 444 -22.86 -6.97 -2.04
C ASN A 444 -23.24 -5.47 -1.99
N SER A 445 -22.75 -4.76 -0.97
CA SER A 445 -23.06 -3.35 -0.76
C SER A 445 -21.84 -2.61 -0.22
N SER A 451 -25.81 -0.38 -4.18
CA SER A 451 -26.09 -1.81 -3.98
C SER A 451 -25.77 -2.63 -5.22
N GLN A 452 -25.19 -3.81 -5.02
CA GLN A 452 -24.73 -4.59 -6.17
C GLN A 452 -24.78 -6.12 -5.97
N ARG A 453 -25.59 -6.78 -6.81
CA ARG A 453 -25.69 -8.23 -6.79
C ARG A 453 -24.31 -8.87 -7.00
N GLN A 454 -24.17 -10.12 -6.59
CA GLN A 454 -22.89 -10.84 -6.65
C GLN A 454 -23.05 -12.27 -7.11
N ILE A 455 -22.17 -12.67 -8.02
CA ILE A 455 -22.26 -14.00 -8.59
C ILE A 455 -20.88 -14.66 -8.65
N ASN A 456 -20.84 -15.95 -8.33
CA ASN A 456 -19.59 -16.62 -8.07
C ASN A 456 -19.72 -18.13 -8.25
N ALA A 457 -18.81 -18.73 -9.03
CA ALA A 457 -18.82 -20.17 -9.28
C ALA A 457 -17.42 -20.74 -9.24
N TYR A 458 -17.24 -21.82 -8.50
CA TYR A 458 -15.92 -22.29 -8.17
C TYR A 458 -15.79 -23.77 -8.50
N TYR A 459 -14.69 -24.16 -9.12
CA TYR A 459 -14.46 -25.55 -9.47
C TYR A 459 -13.12 -26.08 -8.95
N SER A 460 -13.12 -27.26 -8.36
CA SER A 460 -11.85 -27.84 -7.94
C SER A 460 -11.73 -29.32 -8.26
N HIS A 461 -10.53 -29.72 -8.66
CA HIS A 461 -10.19 -31.08 -8.95
C HIS A 461 -8.92 -31.45 -8.19
N ARG A 462 -8.95 -32.59 -7.50
CA ARG A 462 -7.96 -32.90 -6.49
C ARG A 462 -7.21 -34.24 -6.69
N SER A 463 -6.97 -34.61 -7.95
CA SER A 463 -6.09 -35.75 -8.25
C SER A 463 -4.79 -35.75 -7.43
N PRO A 464 -4.21 -36.93 -7.23
CA PRO A 464 -2.98 -37.15 -6.44
C PRO A 464 -1.68 -36.54 -7.01
N LEU A 465 -1.60 -36.20 -8.29
CA LEU A 465 -0.36 -35.62 -8.83
C LEU A 465 -0.65 -34.50 -9.83
N ALA A 466 -1.88 -34.00 -9.79
CA ALA A 466 -2.27 -32.93 -10.67
C ALA A 466 -3.60 -32.36 -10.22
N ASN A 467 -3.50 -31.28 -9.43
CA ASN A 467 -4.65 -30.48 -9.01
C ASN A 467 -4.95 -29.40 -10.01
N LEU A 468 -6.11 -28.79 -9.85
CA LEU A 468 -6.52 -27.67 -10.68
C LEU A 468 -7.82 -27.07 -10.16
N SER A 469 -7.94 -25.75 -10.27
CA SER A 469 -9.20 -25.10 -9.91
C SER A 469 -9.51 -23.93 -10.82
N ALA A 470 -10.68 -23.35 -10.61
CA ALA A 470 -11.18 -22.37 -11.52
C ALA A 470 -12.33 -21.60 -10.88
N ASN A 471 -12.27 -20.29 -10.87
CA ASN A 471 -13.39 -19.57 -10.34
C ASN A 471 -13.83 -18.47 -11.29
N ILE A 472 -15.13 -18.24 -11.33
CA ILE A 472 -15.62 -17.12 -12.07
C ILE A 472 -16.29 -16.25 -11.03
N ALA A 473 -16.07 -14.94 -11.15
CA ALA A 473 -16.53 -13.98 -10.16
C ALA A 473 -17.01 -12.77 -10.86
N SER A 474 -18.15 -12.23 -10.44
CA SER A 474 -18.65 -10.98 -10.99
C SER A 474 -19.48 -10.17 -10.02
N LEU A 475 -19.08 -8.92 -9.82
CA LEU A 475 -19.86 -7.94 -9.08
C LEU A 475 -20.51 -7.04 -10.10
N GLN A 476 -21.62 -6.40 -9.75
CA GLN A 476 -22.26 -5.50 -10.70
C GLN A 476 -21.73 -4.06 -10.73
N LYS A 477 -21.86 -3.44 -11.91
CA LYS A 477 -21.59 -2.01 -12.10
C LYS A 477 -20.26 -1.55 -11.51
N TYR A 479 -16.75 -5.12 -11.26
CA TYR A 479 -15.69 -6.02 -11.72
C TYR A 479 -16.19 -7.42 -11.97
N THR A 480 -15.48 -8.14 -12.82
CA THR A 480 -15.68 -9.57 -13.04
C THR A 480 -14.32 -10.19 -13.27
N SER A 481 -14.00 -11.24 -12.52
CA SER A 481 -12.73 -11.90 -12.72
C SER A 481 -12.93 -13.36 -13.02
N PHE A 482 -11.97 -13.94 -13.73
CA PHE A 482 -11.89 -15.37 -13.98
C PHE A 482 -10.55 -15.89 -13.43
N GLY A 483 -10.56 -17.08 -12.85
CA GLY A 483 -9.37 -17.55 -12.16
C GLY A 483 -9.04 -19.02 -12.39
N VAL A 484 -7.74 -19.31 -12.35
CA VAL A 484 -7.25 -20.66 -12.54
C VAL A 484 -5.99 -20.93 -11.75
N SER A 485 -6.02 -22.03 -11.00
CA SER A 485 -4.85 -22.54 -10.30
C SER A 485 -4.60 -23.98 -10.70
N ALA A 486 -3.37 -24.28 -11.07
CA ALA A 486 -2.95 -25.63 -11.39
C ALA A 486 -1.76 -26.01 -10.53
N SER A 487 -1.68 -27.26 -10.11
CA SER A 487 -0.47 -27.78 -9.43
C SER A 487 -0.36 -29.31 -9.47
N GLY A 488 0.85 -29.82 -9.37
CA GLY A 488 1.09 -31.24 -9.33
C GLY A 488 2.44 -31.67 -9.87
N GLY A 489 2.65 -32.98 -9.94
CA GLY A 489 3.88 -33.57 -10.44
C GLY A 489 3.81 -33.89 -11.92
N ALA A 490 4.97 -34.09 -12.52
CA ALA A 490 5.09 -34.25 -13.96
C ALA A 490 6.54 -34.50 -14.34
N THR A 491 6.77 -35.24 -15.41
CA THR A 491 8.14 -35.61 -15.80
C THR A 491 8.64 -34.99 -17.11
N ILE A 492 9.91 -34.59 -17.09
CA ILE A 492 10.62 -34.12 -18.27
C ILE A 492 11.89 -34.94 -18.45
N THR A 493 12.01 -35.61 -19.59
CA THR A 493 13.23 -36.37 -19.90
C THR A 493 13.06 -37.26 -21.15
N LEU B 3 1.73 29.38 -33.64
CA LEU B 3 1.63 28.11 -32.93
C LEU B 3 2.61 28.05 -31.78
N MET B 4 2.12 28.23 -30.57
CA MET B 4 3.01 28.22 -29.41
C MET B 4 2.85 26.97 -28.52
N LEU B 5 3.98 26.50 -28.03
CA LEU B 5 4.04 25.37 -27.12
C LEU B 5 4.76 25.78 -25.84
N ASP B 6 4.01 26.01 -24.77
CA ASP B 6 4.60 26.23 -23.45
C ASP B 6 4.74 24.86 -22.77
N TYR B 7 5.96 24.49 -22.36
CA TYR B 7 6.25 23.12 -22.01
C TYR B 7 6.99 22.97 -20.69
N ASN B 8 6.82 21.80 -20.06
CA ASN B 8 7.59 21.41 -18.87
C ASN B 8 8.19 20.03 -19.08
N LEU B 9 9.40 19.79 -18.59
CA LEU B 9 10.06 18.49 -18.77
C LEU B 9 10.79 18.09 -17.51
N ASN B 10 10.51 16.88 -17.04
CA ASN B 10 11.19 16.34 -15.87
C ASN B 10 11.96 15.02 -16.07
N GLY B 11 13.18 15.00 -15.56
CA GLY B 11 14.01 13.82 -15.69
C GLY B 11 14.63 13.51 -14.34
N THR B 12 14.40 12.29 -13.85
CA THR B 12 15.08 11.82 -12.66
C THR B 12 15.22 10.32 -12.57
N ARG B 15 20.49 5.29 -7.87
CA ARG B 15 20.87 3.90 -7.66
C ARG B 15 20.83 3.55 -6.17
N ASN B 16 20.77 2.25 -5.87
CA ASN B 16 20.64 1.75 -4.50
C ASN B 16 20.80 0.21 -4.40
N GLY B 20 19.18 -2.05 -8.24
CA GLY B 20 18.12 -1.09 -7.95
C GLY B 20 18.13 0.24 -8.73
N ASP B 21 17.97 0.17 -10.04
CA ASP B 21 17.95 1.36 -10.87
C ASP B 21 16.59 2.08 -10.88
N SER B 22 16.57 3.38 -10.61
CA SER B 22 15.32 4.16 -10.64
C SER B 22 15.33 5.14 -11.84
N HIS B 23 14.18 5.43 -12.43
CA HIS B 23 14.11 6.33 -13.59
C HIS B 23 12.78 7.00 -13.85
N GLN B 24 12.56 8.19 -13.29
CA GLN B 24 11.33 8.97 -13.54
C GLN B 24 11.40 9.80 -14.83
N PHE B 25 10.24 10.24 -15.32
CA PHE B 25 10.18 11.12 -16.48
C PHE B 25 8.81 11.79 -16.72
N SER B 26 8.65 13.03 -16.25
CA SER B 26 7.42 13.79 -16.48
C SER B 26 7.51 14.99 -17.48
N TYR B 27 6.39 15.29 -18.12
CA TYR B 27 6.38 16.30 -19.16
C TYR B 27 4.96 16.68 -19.56
N ASN B 28 4.54 17.88 -19.18
CA ASN B 28 3.24 18.41 -19.57
C ASN B 28 3.30 19.68 -20.43
N GLY B 29 2.18 20.41 -20.48
CA GLY B 29 2.14 21.71 -21.11
C GLY B 29 0.91 22.02 -21.92
N THR B 30 1.04 23.02 -22.81
CA THR B 30 -0.03 23.53 -23.67
C THR B 30 0.47 23.69 -25.10
N VAL B 31 -0.42 23.62 -26.07
CA VAL B 31 -0.01 23.66 -27.46
C VAL B 31 -1.00 24.50 -28.26
N GLY B 32 -1.23 25.72 -27.80
CA GLY B 32 -2.21 26.61 -28.42
C GLY B 32 -1.68 27.50 -29.53
N GLY B 33 -2.54 28.42 -29.97
CA GLY B 33 -2.22 29.36 -31.04
C GLY B 33 -3.26 30.46 -31.13
N ASN B 34 -3.56 30.90 -32.35
CA ASN B 34 -4.49 32.02 -32.54
C ASN B 34 -5.24 31.89 -33.86
N LEU B 35 -6.32 32.65 -33.99
CA LEU B 35 -7.18 32.60 -35.17
C LEU B 35 -7.88 33.93 -35.49
N PRO B 37 -8.94 36.37 -33.27
CA PRO B 37 -9.70 36.72 -32.07
C PRO B 37 -9.99 35.48 -31.23
N TRP B 38 -9.93 34.31 -31.89
CA TRP B 38 -10.08 33.02 -31.23
C TRP B 38 -8.74 32.53 -30.73
N ARG B 39 -8.72 32.04 -29.49
CA ARG B 39 -7.50 31.49 -28.91
C ARG B 39 -7.65 30.00 -28.64
N LEU B 40 -6.66 29.22 -29.08
CA LEU B 40 -6.67 27.76 -28.93
C LEU B 40 -5.67 27.30 -27.87
N ARG B 41 -5.97 26.18 -27.22
CA ARG B 41 -5.18 25.72 -26.09
C ARG B 41 -5.31 24.22 -25.80
N ALA B 42 -4.26 23.46 -26.10
CA ALA B 42 -4.22 22.03 -25.81
C ALA B 42 -3.25 21.72 -24.67
N ASP B 43 -3.81 21.43 -23.49
CA ASP B 43 -3.06 20.93 -22.35
C ASP B 43 -2.74 19.43 -22.54
N TYR B 44 -1.73 18.94 -21.83
CA TYR B 44 -1.25 17.58 -22.06
C TYR B 44 -0.21 17.17 -21.03
N GLN B 45 -0.36 15.99 -20.42
CA GLN B 45 0.62 15.47 -19.47
C GLN B 45 1.01 14.04 -19.82
N GLY B 46 2.14 13.58 -19.28
CA GLY B 46 2.61 12.24 -19.53
C GLY B 46 3.75 11.90 -18.60
N SER B 47 3.86 10.62 -18.20
CA SER B 47 4.94 10.19 -17.32
C SER B 47 5.39 8.76 -17.63
N GLN B 48 6.41 8.31 -16.92
CA GLN B 48 7.03 7.01 -17.19
C GLN B 48 8.04 6.62 -16.12
N GLU B 49 7.55 6.02 -15.03
CA GLU B 49 8.38 5.53 -13.92
C GLU B 49 8.97 4.13 -14.20
N GLN B 50 9.97 3.71 -13.44
CA GLN B 50 10.60 2.40 -13.67
C GLN B 50 11.62 1.94 -12.62
N SER B 51 11.33 0.80 -11.99
CA SER B 51 12.17 0.21 -10.94
C SER B 51 12.87 -1.11 -11.33
N GLU B 56 12.72 -7.91 -9.35
CA GLU B 56 11.45 -7.22 -9.57
C GLU B 56 11.61 -5.96 -10.41
N LYS B 57 11.25 -6.06 -11.70
CA LYS B 57 11.26 -4.92 -12.61
C LYS B 57 9.85 -4.40 -12.82
N THR B 58 9.44 -3.44 -12.00
CA THR B 58 8.17 -2.76 -12.22
C THR B 58 8.39 -1.56 -13.15
N THR B 59 7.45 -1.31 -14.06
CA THR B 59 7.46 -0.10 -14.87
C THR B 59 6.05 0.43 -15.03
N ASN B 60 5.90 1.73 -14.84
CA ASN B 60 4.60 2.40 -14.92
C ASN B 60 4.61 3.62 -15.86
N ARG B 61 3.85 3.58 -16.95
CA ARG B 61 3.86 4.70 -17.91
C ARG B 61 2.47 5.15 -18.43
N ASN B 62 2.39 6.37 -18.94
CA ASN B 62 1.19 6.86 -19.63
C ASN B 62 1.29 8.28 -20.21
N PHE B 63 0.23 8.69 -20.91
CA PHE B 63 0.12 10.03 -21.50
C PHE B 63 -1.34 10.39 -21.80
N THR B 64 -1.64 11.69 -21.79
CA THR B 64 -2.97 12.15 -22.20
C THR B 64 -3.02 13.62 -22.63
N TRP B 65 -4.14 13.96 -23.28
CA TRP B 65 -4.48 15.34 -23.59
C TRP B 65 -5.06 15.58 -22.21
N SER B 66 -5.16 16.84 -21.78
CA SER B 66 -5.61 17.15 -20.43
C SER B 66 -6.94 17.69 -20.94
N ARG B 67 -6.95 18.95 -21.36
CA ARG B 67 -8.12 19.57 -21.96
C ARG B 67 -7.76 19.98 -23.38
N PHE B 68 -8.75 20.52 -24.08
CA PHE B 68 -8.65 20.79 -25.51
C PHE B 68 -9.86 21.58 -25.95
N TYR B 69 -9.72 22.91 -25.94
CA TYR B 69 -10.82 23.84 -26.23
C TYR B 69 -10.45 24.93 -27.21
N LEU B 70 -11.42 25.82 -27.44
CA LEU B 70 -11.21 27.09 -28.10
C LEU B 70 -11.75 28.16 -27.16
N PHE B 71 -11.06 29.29 -27.05
CA PHE B 71 -11.59 30.40 -26.27
C PHE B 71 -11.28 31.75 -26.90
N ARG B 72 -12.33 32.49 -27.18
CA ARG B 72 -12.24 33.79 -27.81
C ARG B 72 -12.85 34.85 -26.92
N ALA B 73 -12.10 35.92 -26.67
CA ALA B 73 -12.61 37.00 -25.85
C ALA B 73 -13.81 37.59 -26.57
N ILE B 74 -14.76 38.09 -25.79
CA ILE B 74 -15.96 38.71 -26.32
C ILE B 74 -16.12 40.06 -25.63
N PRO B 75 -15.73 41.15 -26.32
CA PRO B 75 -15.60 42.43 -25.62
C PRO B 75 -16.91 43.22 -25.54
N ARG B 76 -17.72 43.20 -26.59
CA ARG B 76 -18.99 43.94 -26.58
C ARG B 76 -19.96 43.32 -25.59
N TRP B 77 -20.42 42.11 -25.92
CA TRP B 77 -20.98 41.20 -24.93
C TRP B 77 -19.86 41.04 -23.91
N ARG B 78 -20.04 41.63 -22.74
CA ARG B 78 -18.94 41.85 -21.78
C ARG B 78 -17.94 40.72 -21.45
N ALA B 79 -18.23 39.49 -21.85
CA ALA B 79 -17.58 38.32 -21.23
C ALA B 79 -16.51 37.61 -22.07
N ASN B 80 -16.18 36.39 -21.65
CA ASN B 80 -15.29 35.51 -22.40
C ASN B 80 -16.00 34.21 -22.74
N LEU B 81 -15.66 33.58 -23.86
CA LEU B 81 -16.33 32.33 -24.24
C LEU B 81 -15.37 31.17 -24.50
N THR B 82 -15.45 30.13 -23.66
CA THR B 82 -14.70 28.90 -23.86
C THR B 82 -15.61 27.87 -24.48
N LEU B 83 -15.05 26.91 -25.21
CA LEU B 83 -15.85 25.78 -25.69
C LEU B 83 -15.05 24.53 -26.12
N GLY B 84 -15.40 23.37 -25.59
CA GLY B 84 -14.73 22.14 -25.96
C GLY B 84 -14.54 21.14 -24.83
N GLU B 85 -13.30 20.96 -24.39
CA GLU B 85 -13.03 20.14 -23.22
C GLU B 85 -12.41 20.97 -22.13
N ASN B 86 -13.10 21.13 -21.01
CA ASN B 86 -12.52 21.92 -19.92
C ASN B 86 -12.96 21.50 -18.55
N ASN B 87 -12.39 22.12 -17.54
CA ASN B 87 -12.78 21.87 -16.16
C ASN B 87 -13.60 23.03 -15.59
N ILE B 88 -14.66 22.67 -14.89
CA ILE B 88 -15.57 23.66 -14.34
C ILE B 88 -14.98 24.26 -13.07
N ASN B 89 -14.84 25.58 -13.05
CA ASN B 89 -14.48 26.28 -11.81
C ASN B 89 -15.37 27.50 -11.49
N SER B 90 -15.35 27.91 -10.22
CA SER B 90 -16.38 28.77 -9.68
C SER B 90 -16.16 29.18 -8.23
N ASP B 91 -16.96 30.16 -7.79
CA ASP B 91 -16.80 30.82 -6.51
C ASP B 91 -17.78 30.28 -5.49
N ILE B 92 -18.50 29.23 -5.84
CA ILE B 92 -19.44 28.59 -4.93
C ILE B 92 -19.36 27.06 -5.06
N PHE B 93 -19.56 26.57 -6.27
CA PHE B 93 -19.54 25.14 -6.49
C PHE B 93 -18.13 24.58 -6.50
N ARG B 94 -18.04 23.25 -6.41
CA ARG B 94 -16.76 22.58 -6.47
C ARG B 94 -16.48 22.31 -7.93
N SER B 95 -15.21 22.13 -8.25
CA SER B 95 -14.76 21.96 -9.62
C SER B 95 -14.96 20.53 -10.17
N TRP B 96 -15.06 20.42 -11.49
CA TRP B 96 -15.18 19.11 -12.12
C TRP B 96 -15.13 19.16 -13.64
N SER B 97 -14.60 18.11 -14.25
CA SER B 97 -14.38 18.09 -15.68
C SER B 97 -15.69 18.07 -16.48
N TYR B 98 -15.56 18.27 -17.79
CA TYR B 98 -16.71 18.48 -18.68
C TYR B 98 -16.34 18.82 -20.15
N THR B 99 -17.18 18.38 -21.07
CA THR B 99 -17.15 18.86 -22.43
C THR B 99 -18.33 19.81 -22.56
N GLY B 100 -18.03 21.08 -22.77
CA GLY B 100 -19.08 22.08 -22.89
C GLY B 100 -18.66 23.47 -23.33
N ALA B 101 -19.65 24.37 -23.30
CA ALA B 101 -19.42 25.76 -23.62
C ALA B 101 -19.53 26.56 -22.34
N SER B 102 -18.70 27.59 -22.20
CA SER B 102 -18.70 28.39 -20.97
C SER B 102 -18.49 29.89 -21.25
N LEU B 103 -19.52 30.67 -20.94
CA LEU B 103 -19.50 32.11 -21.13
C LEU B 103 -19.61 32.78 -19.77
N GLU B 104 -18.58 33.52 -19.36
CA GLU B 104 -18.47 34.08 -18.00
C GLU B 104 -17.96 35.52 -17.96
N SER B 105 -18.55 36.33 -17.08
CA SER B 105 -18.16 37.74 -16.95
C SER B 105 -16.67 37.94 -16.67
N ASP B 106 -15.99 38.62 -17.59
CA ASP B 106 -14.54 38.88 -17.47
C ASP B 106 -14.18 39.47 -16.13
N MET B 109 -10.01 45.48 -14.30
CA MET B 109 -11.37 45.14 -14.70
C MET B 109 -12.29 44.98 -13.47
N LEU B 110 -11.64 44.82 -12.32
CA LEU B 110 -12.27 44.55 -11.03
C LEU B 110 -11.15 44.72 -10.01
N PRO B 111 -11.48 45.24 -8.82
CA PRO B 111 -10.45 45.64 -7.87
C PRO B 111 -9.28 44.68 -7.83
N PRO B 112 -8.06 45.18 -7.55
CA PRO B 112 -6.95 44.28 -7.23
C PRO B 112 -7.25 43.53 -5.94
N ARG B 113 -8.23 44.05 -5.18
CA ARG B 113 -8.66 43.43 -3.93
C ARG B 113 -9.41 42.11 -4.15
N LEU B 114 -9.80 41.83 -5.40
CA LEU B 114 -10.60 40.64 -5.74
C LEU B 114 -9.98 39.79 -6.86
N ALA B 118 -4.58 34.14 -5.18
CA ALA B 118 -3.63 33.57 -6.13
C ALA B 118 -2.74 32.47 -5.50
N PRO B 119 -3.37 31.32 -5.18
CA PRO B 119 -2.98 30.13 -4.40
C PRO B 119 -1.49 29.85 -4.28
N GLN B 120 -0.94 30.03 -3.07
CA GLN B 120 0.46 29.67 -2.77
C GLN B 120 0.59 28.35 -1.97
N ILE B 121 1.69 27.65 -2.17
CA ILE B 121 1.78 26.25 -1.79
C ILE B 121 3.13 25.91 -1.17
N THR B 122 3.16 25.68 0.14
CA THR B 122 4.45 25.43 0.81
C THR B 122 4.41 24.26 1.77
N GLY B 123 5.59 23.69 2.04
CA GLY B 123 5.75 22.60 2.99
C GLY B 123 7.17 22.51 3.52
N ILE B 124 7.86 21.40 3.20
CA ILE B 124 9.29 21.23 3.50
C ILE B 124 9.85 20.17 2.55
N ALA B 125 11.02 19.62 2.87
CA ALA B 125 11.63 18.56 2.07
C ALA B 125 12.97 18.15 2.66
N GLU B 126 13.30 16.87 2.53
CA GLU B 126 14.54 16.34 3.11
C GLU B 126 15.65 16.21 2.07
N THR B 127 15.27 16.09 0.80
CA THR B 127 16.25 16.16 -0.29
C THR B 127 15.79 17.06 -1.44
N ASN B 128 16.62 17.16 -2.46
CA ASN B 128 16.28 17.91 -3.65
C ASN B 128 15.14 17.18 -4.37
N ALA B 129 13.92 17.60 -4.03
CA ALA B 129 12.70 16.87 -4.39
C ALA B 129 12.23 17.00 -5.83
N ARG B 130 11.00 16.56 -6.08
CA ARG B 130 10.21 16.99 -7.23
C ARG B 130 8.92 17.37 -6.53
N VAL B 131 8.04 18.13 -7.17
CA VAL B 131 6.75 18.39 -6.54
C VAL B 131 5.65 18.47 -7.58
N VAL B 132 4.56 17.76 -7.33
CA VAL B 132 3.49 17.67 -8.31
C VAL B 132 2.17 18.16 -7.75
N VAL B 133 1.91 19.46 -7.89
CA VAL B 133 0.60 19.98 -7.55
C VAL B 133 -0.41 19.57 -8.60
N SER B 134 -1.61 19.21 -8.16
CA SER B 134 -2.60 18.64 -9.05
C SER B 134 -3.98 18.80 -8.46
N GLN B 135 -4.97 18.92 -9.33
CA GLN B 135 -6.37 18.98 -8.91
C GLN B 135 -7.09 18.09 -9.88
N GLN B 136 -7.93 17.20 -9.35
CA GLN B 136 -8.27 15.96 -10.04
C GLN B 136 -6.94 15.32 -10.42
N GLY B 137 -6.90 14.75 -11.61
CA GLY B 137 -5.66 14.22 -12.13
C GLY B 137 -5.12 15.11 -13.21
N ARG B 138 -5.16 16.42 -12.99
CA ARG B 138 -4.56 17.38 -13.92
C ARG B 138 -3.39 18.04 -13.20
N VAL B 139 -2.25 18.06 -13.87
CA VAL B 139 -1.05 18.59 -13.24
C VAL B 139 -0.96 20.12 -13.35
N LEU B 140 -0.72 20.77 -12.22
CA LEU B 140 -0.61 22.23 -12.19
C LEU B 140 0.81 22.67 -11.87
N TYR B 141 1.68 21.69 -11.63
CA TYR B 141 3.08 21.97 -11.31
C TYR B 141 3.91 20.69 -11.25
N ASP B 142 5.15 20.77 -11.70
CA ASP B 142 6.04 19.61 -11.69
C ASP B 142 7.51 19.92 -11.99
N SER B 143 8.29 20.12 -10.93
CA SER B 143 9.71 20.42 -11.08
C SER B 143 10.49 19.94 -9.87
N MET B 144 11.77 20.30 -9.81
CA MET B 144 12.63 19.91 -8.69
C MET B 144 12.66 21.12 -7.77
N VAL B 145 12.57 20.87 -6.47
CA VAL B 145 12.59 21.94 -5.48
C VAL B 145 13.82 21.57 -4.65
N PRO B 146 14.81 22.45 -4.66
CA PRO B 146 16.05 22.23 -3.90
C PRO B 146 15.76 21.90 -2.43
N ALA B 147 16.55 21.00 -1.87
CA ALA B 147 16.38 20.60 -0.48
C ALA B 147 16.26 21.77 0.50
N GLY B 148 15.49 21.56 1.55
CA GLY B 148 15.17 22.60 2.51
C GLY B 148 13.72 22.98 2.31
N PRO B 149 13.20 23.89 3.13
CA PRO B 149 11.79 24.29 3.02
C PRO B 149 11.47 24.72 1.61
N PHE B 150 10.21 25.00 1.31
CA PHE B 150 9.86 25.40 -0.05
C PHE B 150 8.59 26.22 -0.10
N SER B 151 8.40 26.85 -1.25
CA SER B 151 7.32 27.79 -1.48
C SER B 151 7.10 27.75 -2.98
N ILE B 152 5.85 27.74 -3.41
CA ILE B 152 5.59 27.58 -4.83
C ILE B 152 4.50 28.51 -5.31
N GLN B 153 4.79 29.18 -6.42
CA GLN B 153 3.95 30.23 -6.91
C GLN B 153 4.15 30.32 -8.42
N ASP B 154 3.89 29.20 -9.10
CA ASP B 154 3.94 29.18 -10.56
C ASP B 154 2.64 28.61 -11.11
N LEU B 155 1.52 29.21 -10.74
CA LEU B 155 0.23 28.63 -11.08
C LEU B 155 -0.69 29.58 -11.86
N SER B 158 -4.31 31.36 -12.01
CA SER B 158 -4.98 31.15 -10.73
C SER B 158 -6.16 30.18 -10.86
N VAL B 159 -6.36 29.34 -9.84
CA VAL B 159 -7.35 28.23 -9.84
C VAL B 159 -8.15 28.12 -8.54
N ARG B 160 -9.31 27.45 -8.60
CA ARG B 160 -10.22 27.30 -7.44
C ARG B 160 -10.56 25.85 -7.09
N GLY B 161 -10.21 25.45 -5.86
CA GLY B 161 -10.46 24.09 -5.37
C GLY B 161 -9.41 23.63 -4.38
N ARG B 162 -9.25 22.32 -4.22
CA ARG B 162 -8.26 21.78 -3.31
C ARG B 162 -7.20 20.96 -4.02
N LEU B 163 -5.95 21.26 -3.72
CA LEU B 163 -4.87 20.78 -4.57
C LEU B 163 -4.09 19.59 -4.02
N ASP B 164 -3.93 18.58 -4.84
CA ASP B 164 -3.28 17.36 -4.41
C ASP B 164 -1.78 17.52 -4.51
N VAL B 165 -1.11 17.50 -3.35
CA VAL B 165 0.32 17.75 -3.30
C VAL B 165 1.12 16.48 -3.06
N GLU B 166 1.71 15.97 -4.12
CA GLU B 166 2.63 14.86 -3.95
C GLU B 166 4.00 15.46 -3.72
N VAL B 167 4.71 14.99 -2.69
CA VAL B 167 6.09 15.42 -2.45
C VAL B 167 7.06 14.26 -2.66
N ILE B 168 7.61 14.15 -3.87
CA ILE B 168 8.43 13.01 -4.23
C ILE B 168 9.91 13.11 -3.86
N GLU B 169 10.37 12.22 -2.98
CA GLU B 169 11.73 12.30 -2.44
C GLU B 169 12.81 11.62 -3.26
N GLN B 170 14.07 12.02 -3.04
CA GLN B 170 15.19 11.48 -3.81
C GLN B 170 15.49 10.08 -3.38
N ASN B 171 15.72 9.93 -2.08
CA ASN B 171 16.09 8.64 -1.50
C ASN B 171 15.00 7.57 -1.71
N GLY B 172 13.77 8.04 -1.85
CA GLY B 172 12.66 7.14 -2.05
C GLY B 172 11.73 7.32 -0.88
N ARG B 173 10.90 8.33 -0.97
CA ARG B 173 9.72 8.38 -0.14
C ARG B 173 8.69 8.94 -1.11
N LYS B 174 7.64 9.56 -0.59
CA LYS B 174 6.65 10.15 -1.46
C LYS B 174 6.39 10.66 -0.07
N LYS B 175 5.67 11.78 0.00
CA LYS B 175 5.17 12.26 1.28
C LYS B 175 4.14 12.93 0.38
N THR B 176 2.94 13.12 0.91
CA THR B 176 1.82 13.57 0.11
C THR B 176 0.76 14.16 0.99
N PHE B 177 0.31 15.35 0.62
CA PHE B 177 -0.76 16.00 1.35
C PHE B 177 -1.71 16.73 0.41
N GLN B 178 -2.78 17.26 0.99
CA GLN B 178 -3.74 18.03 0.24
C GLN B 178 -3.66 19.49 0.66
N VAL B 179 -4.18 20.39 -0.17
CA VAL B 179 -4.26 21.81 0.18
C VAL B 179 -5.38 22.54 -0.55
N ASP B 180 -6.39 22.94 0.20
CA ASP B 180 -7.46 23.80 -0.31
C ASP B 180 -6.96 25.24 -0.33
N THR B 181 -7.03 25.85 -1.52
CA THR B 181 -6.48 27.17 -1.75
C THR B 181 -7.41 28.28 -1.28
N ALA B 182 -6.83 29.44 -1.00
CA ALA B 182 -7.62 30.61 -0.66
C ALA B 182 -8.73 30.85 -1.68
N SER B 183 -9.98 30.74 -1.23
CA SER B 183 -11.11 31.11 -2.07
C SER B 183 -11.47 32.56 -1.77
N VAL B 184 -11.30 33.44 -2.75
CA VAL B 184 -11.57 34.85 -2.51
C VAL B 184 -13.03 35.21 -2.80
N PRO B 185 -13.75 35.66 -1.75
CA PRO B 185 -15.19 35.94 -1.66
C PRO B 185 -15.87 36.52 -2.91
N TYR B 186 -16.82 35.78 -3.48
CA TYR B 186 -17.55 36.24 -4.66
C TYR B 186 -18.17 37.63 -4.43
N LEU B 187 -17.46 38.69 -4.83
CA LEU B 187 -17.94 40.07 -4.62
C LEU B 187 -17.83 40.92 -5.89
N ARG B 189 -19.52 44.75 -6.75
CA ARG B 189 -19.21 46.12 -7.16
C ARG B 189 -20.49 46.89 -7.49
N PRO B 190 -20.94 47.75 -6.55
CA PRO B 190 -22.32 48.25 -6.42
C PRO B 190 -23.09 48.32 -7.74
N GLY B 191 -22.48 48.94 -8.73
CA GLY B 191 -23.16 49.07 -9.98
C GLY B 191 -23.50 47.69 -10.47
N GLN B 192 -22.44 46.90 -10.63
CA GLN B 192 -22.42 45.72 -11.49
C GLN B 192 -22.84 44.39 -10.86
N VAL B 193 -22.65 43.35 -11.66
CA VAL B 193 -23.15 42.02 -11.37
C VAL B 193 -22.30 41.06 -12.19
N ARG B 194 -21.47 40.27 -11.51
CA ARG B 194 -20.61 39.29 -12.17
C ARG B 194 -21.35 37.97 -12.33
N TYR B 195 -20.88 37.11 -13.23
CA TYR B 195 -21.52 35.80 -13.42
C TYR B 195 -20.69 34.76 -14.19
N LYS B 196 -21.11 33.50 -14.11
CA LYS B 196 -20.54 32.39 -14.87
C LYS B 196 -21.70 31.56 -15.38
N LEU B 197 -21.68 31.20 -16.66
CA LEU B 197 -22.74 30.39 -17.24
C LEU B 197 -22.17 29.18 -17.99
N VAL B 198 -22.46 27.99 -17.47
CA VAL B 198 -21.92 26.76 -18.00
C VAL B 198 -22.98 25.82 -18.59
N SER B 199 -22.58 25.02 -19.56
CA SER B 199 -23.43 23.94 -20.02
C SER B 199 -22.64 22.98 -20.89
N GLY B 200 -22.52 21.74 -20.41
CA GLY B 200 -21.91 20.67 -21.16
C GLY B 200 -22.48 19.33 -20.73
N ARG B 201 -21.56 18.41 -20.42
CA ARG B 201 -21.86 17.03 -20.03
C ARG B 201 -20.60 16.48 -19.39
N SER B 202 -20.74 15.46 -18.54
CA SER B 202 -19.60 14.94 -17.78
C SER B 202 -18.52 14.27 -18.66
N ARG B 203 -17.30 14.16 -18.12
CA ARG B 203 -16.15 13.64 -18.88
C ARG B 203 -15.39 12.54 -18.11
N GLY B 211 -21.89 11.45 -21.39
CA GLY B 211 -22.30 11.45 -19.99
C GLY B 211 -23.61 12.19 -19.76
N PRO B 212 -23.98 12.42 -18.48
CA PRO B 212 -25.23 13.13 -18.17
C PRO B 212 -25.15 14.60 -18.57
N VAL B 213 -25.94 14.96 -19.58
CA VAL B 213 -26.09 16.35 -20.01
C VAL B 213 -26.37 17.27 -18.81
N PHE B 214 -25.90 18.50 -18.89
CA PHE B 214 -26.09 19.43 -17.79
C PHE B 214 -25.56 20.80 -18.17
N ALA B 215 -26.31 21.83 -17.79
CA ALA B 215 -25.92 23.23 -17.88
C ALA B 215 -25.97 23.76 -16.44
N THR B 216 -25.38 24.92 -16.19
CA THR B 216 -25.33 25.46 -14.83
C THR B 216 -24.96 26.97 -14.76
N GLY B 217 -25.23 27.61 -13.62
CA GLY B 217 -24.99 29.03 -13.45
C GLY B 217 -24.73 29.58 -12.05
N GLU B 218 -24.28 30.83 -12.00
CA GLU B 218 -23.87 31.49 -10.75
C GLU B 218 -23.55 32.98 -10.99
N ALA B 219 -23.99 33.86 -10.08
CA ALA B 219 -23.73 35.29 -10.22
C ALA B 219 -23.72 35.97 -8.86
N SER B 220 -23.01 37.11 -8.80
CA SER B 220 -22.91 37.94 -7.59
C SER B 220 -23.26 39.40 -7.87
N TRP B 221 -24.56 39.69 -7.83
CA TRP B 221 -25.05 41.06 -7.81
C TRP B 221 -24.63 41.71 -6.48
N GLY B 222 -24.03 42.89 -6.60
CA GLY B 222 -23.57 43.65 -5.44
C GLY B 222 -24.47 44.84 -5.16
N LEU B 223 -24.62 45.16 -3.87
CA LEU B 223 -25.55 46.20 -3.43
C LEU B 223 -24.83 47.50 -3.01
N GLN B 226 -21.35 48.07 -0.08
CA GLN B 226 -20.23 47.14 0.17
C GLN B 226 -20.68 45.70 0.51
N TRP B 227 -21.88 45.35 0.03
CA TRP B 227 -22.51 44.05 0.25
C TRP B 227 -22.82 43.43 -1.09
N SER B 228 -22.78 42.11 -1.17
CA SER B 228 -23.25 41.41 -2.37
C SER B 228 -24.09 40.19 -2.01
N LEU B 229 -24.86 39.71 -2.99
CA LEU B 229 -25.55 38.44 -2.85
C LEU B 229 -25.28 37.57 -4.08
N TYR B 230 -25.02 36.28 -3.88
CA TYR B 230 -24.76 35.36 -5.01
C TYR B 230 -25.46 34.01 -4.89
N GLY B 232 -26.17 30.84 -7.11
CA GLY B 232 -25.67 29.61 -7.72
C GLY B 232 -26.53 28.34 -7.70
N ALA B 233 -26.34 27.50 -8.72
CA ALA B 233 -27.18 26.34 -8.88
C ALA B 233 -26.62 25.32 -9.86
N VAL B 234 -26.86 24.04 -9.60
CA VAL B 234 -26.43 23.00 -10.51
C VAL B 234 -27.60 22.23 -11.04
N LEU B 235 -27.70 22.14 -12.36
CA LEU B 235 -28.79 21.42 -12.98
C LEU B 235 -28.26 20.18 -13.69
N ALA B 236 -28.46 19.02 -13.06
CA ALA B 236 -27.89 17.76 -13.51
C ALA B 236 -28.81 16.53 -13.31
N GLY B 237 -30.08 16.67 -13.68
CA GLY B 237 -30.99 15.53 -13.73
C GLY B 237 -31.12 14.74 -12.44
N ASP B 238 -30.45 13.60 -12.37
CA ASP B 238 -30.37 12.82 -11.14
C ASP B 238 -29.57 13.53 -10.04
N TYR B 239 -28.89 14.61 -10.42
CA TYR B 239 -28.23 15.50 -9.47
C TYR B 239 -28.84 16.87 -9.59
N ASN B 240 -28.93 17.57 -8.47
CA ASN B 240 -29.27 18.99 -8.45
C ASN B 240 -28.89 19.60 -7.11
N ALA B 241 -28.58 20.90 -7.11
CA ALA B 241 -28.04 21.56 -5.93
C ALA B 241 -28.25 23.06 -6.01
N LEU B 242 -28.75 23.63 -4.92
CA LEU B 242 -29.00 25.05 -4.83
C LEU B 242 -27.92 25.62 -3.93
N ALA B 243 -27.81 26.94 -3.87
CA ALA B 243 -26.81 27.59 -3.03
C ALA B 243 -27.05 29.10 -2.93
N ALA B 244 -26.53 29.68 -1.86
CA ALA B 244 -26.71 31.10 -1.65
C ALA B 244 -25.66 31.64 -0.69
N GLY B 245 -25.37 32.92 -0.81
CA GLY B 245 -24.42 33.54 0.09
C GLY B 245 -24.36 35.04 -0.07
N ALA B 246 -23.40 35.63 0.62
CA ALA B 246 -23.24 37.06 0.61
C ALA B 246 -21.92 37.45 1.22
N GLY B 247 -21.42 38.59 0.75
CA GLY B 247 -20.17 39.10 1.25
C GLY B 247 -20.30 40.60 1.43
N TRP B 248 -19.80 41.08 2.54
CA TRP B 248 -19.65 42.50 2.70
C TRP B 248 -18.15 42.80 2.84
N ASP B 249 -17.65 43.68 1.97
CA ASP B 249 -16.28 44.14 2.06
C ASP B 249 -16.17 45.16 3.18
N LEU B 250 -15.36 44.85 4.17
CA LEU B 250 -15.31 45.65 5.38
C LEU B 250 -14.33 46.83 5.25
N GLY B 251 -13.35 46.68 4.35
CA GLY B 251 -12.31 47.68 4.17
C GLY B 251 -10.93 47.06 4.15
N VAL B 252 -9.96 47.76 4.73
CA VAL B 252 -8.58 47.27 4.82
C VAL B 252 -8.43 46.35 6.02
N THR B 255 -12.97 42.09 4.26
CA THR B 255 -13.69 41.10 3.46
C THR B 255 -14.20 39.86 4.22
N LEU B 256 -15.41 39.45 3.86
CA LEU B 256 -16.12 38.39 4.56
C LEU B 256 -17.13 37.75 3.61
N SER B 257 -17.21 36.42 3.61
CA SER B 257 -18.23 35.71 2.83
C SER B 257 -18.96 34.67 3.68
N ALA B 258 -20.10 34.18 3.19
CA ALA B 258 -20.87 33.14 3.87
C ALA B 258 -21.87 32.49 2.93
N ASP B 259 -21.73 31.18 2.73
CA ASP B 259 -22.65 30.49 1.83
C ASP B 259 -23.08 29.11 2.29
N ILE B 260 -24.39 28.90 2.31
CA ILE B 260 -25.00 27.60 2.47
C ILE B 260 -25.36 27.05 1.11
N THR B 261 -24.81 25.89 0.81
CA THR B 261 -25.30 25.08 -0.30
C THR B 261 -25.92 23.77 0.21
N GLN B 262 -27.05 23.39 -0.36
CA GLN B 262 -27.62 22.07 -0.12
C GLN B 262 -27.75 21.37 -1.45
N SER B 263 -27.69 20.03 -1.41
CA SER B 263 -27.67 19.18 -2.60
C SER B 263 -28.80 18.16 -2.65
N VAL B 264 -28.98 17.54 -3.81
CA VAL B 264 -30.03 16.53 -3.99
C VAL B 264 -29.85 15.56 -5.17
N ALA B 265 -29.36 14.35 -4.87
CA ALA B 265 -29.23 13.25 -5.82
C ALA B 265 -30.24 12.12 -5.56
N ARG B 266 -30.82 11.60 -6.64
CA ARG B 266 -31.69 10.44 -6.56
C ARG B 266 -31.33 9.47 -7.66
N ILE B 267 -30.62 8.42 -7.28
CA ILE B 267 -30.18 7.37 -8.20
C ILE B 267 -31.27 6.33 -8.44
N GLU B 268 -31.37 5.83 -9.67
CA GLU B 268 -32.33 4.76 -9.99
C GLU B 268 -32.02 3.50 -9.18
N GLY B 269 -32.45 3.49 -7.91
CA GLY B 269 -32.16 2.40 -6.99
C GLY B 269 -31.86 2.91 -5.59
N ARG B 271 -33.36 5.17 -2.90
CA ARG B 271 -33.04 6.26 -2.00
C ARG B 271 -32.64 7.51 -2.76
N THR B 272 -32.71 8.64 -2.05
CA THR B 272 -32.21 9.93 -2.50
C THR B 272 -31.39 10.52 -1.34
N PHE B 273 -30.38 11.34 -1.66
CA PHE B 273 -29.48 11.83 -0.61
C PHE B 273 -29.48 13.35 -0.42
N GLN B 274 -30.43 13.82 0.36
CA GLN B 274 -30.46 15.20 0.84
C GLN B 274 -29.16 15.52 1.59
N GLY B 275 -28.93 16.82 1.85
CA GLY B 275 -27.69 17.25 2.50
C GLY B 275 -27.23 18.67 2.20
N LYS B 276 -26.62 19.29 3.21
CA LYS B 276 -26.22 20.68 3.08
C LYS B 276 -24.78 20.91 3.60
N SER B 277 -24.22 22.07 3.24
CA SER B 277 -22.93 22.50 3.75
C SER B 277 -22.88 24.01 3.81
N TRP B 278 -22.11 24.51 4.77
CA TRP B 278 -21.89 25.94 4.92
C TRP B 278 -20.44 26.26 4.62
N ARG B 279 -20.10 27.54 4.60
CA ARG B 279 -18.74 27.95 4.27
C ARG B 279 -18.50 29.45 4.48
N LEU B 280 -17.29 29.79 4.90
CA LEU B 280 -16.89 31.18 5.14
C LEU B 280 -15.56 31.52 4.45
N PHE B 295 -6.01 34.49 5.10
CA PHE B 295 -7.18 33.74 4.68
C PHE B 295 -7.64 32.77 5.73
N ALA B 296 -8.96 32.53 5.80
CA ALA B 296 -9.49 31.56 6.76
C ALA B 296 -10.88 31.02 6.42
N GLY B 297 -10.93 30.00 5.57
CA GLY B 297 -12.19 29.41 5.17
C GLY B 297 -12.62 28.31 6.12
N TYR B 298 -13.87 28.35 6.52
CA TYR B 298 -14.48 27.27 7.30
C TYR B 298 -15.74 26.72 6.59
N ARG B 299 -15.64 25.50 6.07
CA ARG B 299 -16.80 24.84 5.49
C ARG B 299 -17.30 23.78 6.46
N PHE B 300 -18.62 23.64 6.58
CA PHE B 300 -19.20 22.52 7.31
C PHE B 300 -20.10 21.66 6.44
N SER B 301 -19.86 20.35 6.45
CA SER B 301 -20.58 19.46 5.55
C SER B 301 -21.41 18.39 6.28
N GLU B 302 -22.69 18.30 5.92
CA GLU B 302 -23.63 17.34 6.50
C GLU B 302 -23.52 15.95 5.89
N ARG B 303 -23.88 14.92 6.66
CA ARG B 303 -23.50 13.53 6.39
C ARG B 303 -23.61 13.09 4.95
N ASN B 304 -24.66 13.53 4.27
CA ASN B 304 -24.90 13.11 2.88
C ASN B 304 -24.97 14.21 1.81
N TYR B 305 -24.33 15.35 2.07
CA TYR B 305 -24.14 16.35 1.03
C TYR B 305 -23.01 15.88 0.11
N MET B 306 -23.24 15.95 -1.21
CA MET B 306 -22.23 15.57 -2.19
C MET B 306 -21.94 16.73 -3.13
N THR B 307 -20.75 16.72 -3.72
CA THR B 307 -20.40 17.69 -4.75
C THR B 307 -20.48 16.99 -6.11
N MET B 308 -20.97 17.65 -7.14
CA MET B 308 -21.00 17.02 -8.46
C MET B 308 -19.78 16.13 -8.75
N GLU B 309 -18.62 16.47 -8.21
CA GLU B 309 -17.46 15.60 -8.39
C GLU B 309 -17.71 14.28 -7.66
N GLN B 310 -18.27 14.42 -6.46
CA GLN B 310 -18.60 13.31 -5.56
C GLN B 310 -19.76 12.40 -6.04
N TYR B 311 -20.86 13.00 -6.46
CA TYR B 311 -21.97 12.23 -6.96
C TYR B 311 -21.53 11.51 -8.19
N LEU B 312 -20.60 12.11 -8.92
CA LEU B 312 -20.14 11.50 -10.16
C LEU B 312 -19.37 10.21 -9.88
N ASN B 313 -18.51 10.27 -8.87
CA ASN B 313 -17.79 9.10 -8.42
C ASN B 313 -18.73 8.05 -7.84
N ALA B 314 -19.38 8.40 -6.74
CA ALA B 314 -20.31 7.49 -6.09
C ALA B 314 -21.41 7.01 -7.03
N ARG B 315 -21.31 7.31 -8.31
CA ARG B 315 -22.38 6.96 -9.25
C ARG B 315 -21.88 6.54 -10.63
N TYR B 316 -20.57 6.49 -10.82
CA TYR B 316 -19.99 6.00 -12.09
C TYR B 316 -18.68 5.24 -11.84
N ARG B 317 -18.08 5.52 -10.69
CA ARG B 317 -16.97 4.78 -10.16
C ARG B 317 -17.43 4.22 -8.80
N ASN B 318 -18.74 4.27 -8.57
CA ASN B 318 -19.36 3.73 -7.35
C ASN B 318 -18.71 4.08 -6.01
N ASP B 319 -18.26 5.34 -5.86
CA ASP B 319 -17.55 5.71 -4.64
C ASP B 319 -18.13 6.90 -3.85
N TYR B 320 -18.97 6.62 -2.84
CA TYR B 320 -19.46 7.63 -1.91
C TYR B 320 -18.59 7.65 -0.69
N SER B 321 -17.29 7.44 -0.83
CA SER B 321 -16.50 7.00 0.32
C SER B 321 -15.92 8.04 1.26
N SER B 322 -15.81 9.29 0.85
CA SER B 322 -14.99 10.22 1.63
C SER B 322 -15.76 11.40 2.26
N ARG B 323 -16.65 11.08 3.20
CA ARG B 323 -17.61 12.06 3.71
C ARG B 323 -17.04 13.25 4.49
N GLU B 324 -16.98 14.39 3.82
CA GLU B 324 -16.47 15.61 4.41
C GLU B 324 -17.35 16.08 5.56
N LYS B 325 -16.71 16.50 6.64
CA LYS B 325 -17.43 17.12 7.77
C LYS B 325 -17.05 18.59 8.01
N GLU B 326 -15.92 18.79 8.69
CA GLU B 326 -15.39 20.11 9.00
C GLU B 326 -14.06 20.37 8.29
N MET B 327 -13.92 21.58 7.75
CA MET B 327 -12.62 22.03 7.26
C MET B 327 -12.31 23.37 7.85
N TYR B 328 -11.03 23.59 8.18
CA TYR B 328 -10.52 24.90 8.58
C TYR B 328 -9.10 25.15 8.02
N THR B 329 -9.01 25.96 6.97
CA THR B 329 -7.72 26.30 6.35
C THR B 329 -7.31 27.73 6.64
N VAL B 330 -6.01 27.96 6.72
CA VAL B 330 -5.47 29.28 6.94
C VAL B 330 -4.09 29.44 6.31
N THR B 331 -3.84 30.62 5.73
CA THR B 331 -2.56 30.94 5.14
C THR B 331 -2.12 32.31 5.64
N LEU B 332 -0.85 32.43 6.03
CA LEU B 332 -0.26 33.73 6.37
C LEU B 332 1.18 33.84 5.87
N LEU B 345 2.68 30.69 7.72
CA LEU B 345 1.68 29.78 8.29
C LEU B 345 0.66 29.32 7.25
N GLN B 346 0.79 28.07 6.82
CA GLN B 346 -0.22 27.43 6.00
C GLN B 346 -0.78 26.23 6.77
N TYR B 347 -2.10 26.14 6.89
CA TYR B 347 -2.73 25.12 7.75
C TYR B 347 -4.15 24.73 7.34
N SER B 348 -4.41 23.42 7.27
CA SER B 348 -5.71 22.93 6.79
C SER B 348 -6.11 21.55 7.32
N ARG B 349 -7.15 21.52 8.14
CA ARG B 349 -7.63 20.28 8.74
C ARG B 349 -8.96 19.85 8.13
N GLN B 350 -9.03 18.58 7.69
CA GLN B 350 -10.28 17.97 7.23
C GLN B 350 -10.69 16.78 8.07
N THR B 351 -11.78 16.93 8.82
CA THR B 351 -12.37 15.83 9.57
C THR B 351 -13.57 15.21 8.83
N TYR B 352 -13.62 13.88 8.76
CA TYR B 352 -14.67 13.22 7.99
C TYR B 352 -15.70 12.49 8.85
N TRP B 353 -16.73 11.95 8.19
CA TRP B 353 -17.73 11.10 8.82
C TRP B 353 -17.26 9.65 8.85
N ASP B 354 -16.45 9.29 7.86
CA ASP B 354 -16.13 7.90 7.61
C ASP B 354 -14.64 7.56 7.64
N ILE B 355 -13.78 8.52 7.99
CA ILE B 355 -12.34 8.24 8.07
C ILE B 355 -11.59 9.00 9.16
N ARG B 356 -10.32 8.65 9.36
CA ARG B 356 -9.43 9.35 10.29
C ARG B 356 -9.08 10.76 9.81
N LYS B 357 -9.47 11.74 10.63
CA LYS B 357 -9.19 13.15 10.38
C LYS B 357 -7.81 13.41 9.78
N THR B 358 -7.79 14.14 8.68
CA THR B 358 -6.54 14.57 8.06
C THR B 358 -6.20 16.00 8.44
N ASP B 359 -4.93 16.21 8.78
CA ASP B 359 -4.48 17.50 9.27
C ASP B 359 -3.13 17.85 8.65
N TYR B 360 -3.14 18.78 7.70
CA TYR B 360 -1.90 19.35 7.19
C TYR B 360 -1.66 20.83 7.56
N TYR B 361 -0.44 21.10 8.01
CA TYR B 361 -0.08 22.40 8.55
C TYR B 361 1.42 22.52 8.41
N THR B 362 1.87 23.67 7.94
CA THR B 362 3.29 23.96 7.74
C THR B 362 3.54 25.43 8.05
N VAL B 363 4.64 25.71 8.74
CA VAL B 363 4.96 27.08 9.15
C VAL B 363 6.44 27.37 9.17
N SER B 364 6.87 28.27 8.28
CA SER B 364 8.25 28.74 8.26
C SER B 364 8.34 30.12 8.90
N VAL B 365 9.49 30.42 9.50
CA VAL B 365 9.75 31.76 10.05
C VAL B 365 11.23 32.07 10.19
N VAL B 379 17.22 34.32 10.52
CA VAL B 379 17.57 32.91 10.34
C VAL B 379 16.49 32.19 9.54
N GLY B 380 16.67 30.88 9.37
CA GLY B 380 15.65 30.03 8.79
C GLY B 380 15.09 29.09 9.84
N LEU B 381 13.77 28.99 9.92
CA LEU B 381 13.14 28.10 10.89
C LEU B 381 11.89 27.48 10.26
N SER B 382 11.75 26.16 10.39
CA SER B 382 10.76 25.41 9.59
C SER B 382 9.84 24.50 10.39
N ALA B 383 8.56 24.49 10.01
CA ALA B 383 7.51 23.69 10.67
C ALA B 383 6.59 23.03 9.65
N SER B 384 6.17 21.79 9.93
CA SER B 384 5.13 21.11 9.12
C SER B 384 4.71 19.74 9.68
N ARG B 385 3.44 19.38 9.48
CA ARG B 385 3.00 17.99 9.72
C ARG B 385 2.09 17.55 8.58
N SER B 386 2.28 16.32 8.10
CA SER B 386 1.59 15.85 6.89
C SER B 386 0.86 14.52 7.07
N LYS B 387 0.46 13.90 5.95
CA LYS B 387 -0.28 12.63 5.94
C LYS B 387 0.37 11.55 5.06
N ASP B 392 0.82 9.93 8.52
CA ASP B 392 1.07 11.17 9.25
C ASP B 392 2.53 11.32 9.67
N ASN B 393 3.24 12.23 9.01
CA ASN B 393 4.66 12.48 9.26
C ASN B 393 4.96 13.86 9.87
N ASP B 394 6.22 14.07 10.26
CA ASP B 394 6.63 15.29 10.90
C ASP B 394 8.09 15.65 10.63
N SER B 395 8.31 16.89 10.18
CA SER B 395 9.64 17.40 9.85
C SER B 395 9.92 18.74 10.49
N ALA B 396 11.19 19.02 10.73
CA ALA B 396 11.61 20.34 11.18
C ALA B 396 12.92 20.72 10.50
N TYR B 397 13.26 22.01 10.53
CA TYR B 397 14.40 22.48 9.76
C TYR B 397 14.99 23.78 10.31
N LEU B 398 16.31 23.82 10.42
CA LEU B 398 17.02 25.06 10.72
C LEU B 398 17.94 25.42 9.55
N ARG B 399 17.98 26.70 9.22
CA ARG B 399 18.76 27.19 8.08
C ARG B 399 19.66 28.34 8.49
N ILE B 400 20.95 28.19 8.17
CA ILE B 400 21.93 29.24 8.42
C ILE B 400 23.16 29.06 7.53
N TYR B 411 24.15 26.25 5.97
CA TYR B 411 24.07 25.10 6.87
C TYR B 411 22.64 24.69 7.22
N SER B 412 22.46 23.42 7.58
CA SER B 412 21.13 22.86 7.75
C SER B 412 21.11 21.76 8.79
N GLY B 413 20.06 21.73 9.61
CA GLY B 413 19.81 20.64 10.54
C GLY B 413 18.33 20.34 10.59
N SER B 414 17.96 19.07 10.37
CA SER B 414 16.56 18.73 10.19
C SER B 414 16.11 17.47 10.93
N MET B 415 15.10 17.61 11.78
CA MET B 415 14.53 16.45 12.49
C MET B 415 13.41 15.81 11.68
N SER B 416 13.50 14.50 11.51
CA SER B 416 12.61 13.76 10.63
C SER B 416 12.12 12.44 11.22
N ARG B 419 14.93 10.42 12.34
CA ARG B 419 16.16 10.23 11.58
C ARG B 419 16.86 11.57 11.33
N TYR B 420 17.73 11.95 12.27
CA TYR B 420 18.41 13.22 12.20
C TYR B 420 19.53 13.23 11.14
N VAL B 421 19.63 14.34 10.39
CA VAL B 421 20.60 14.52 9.31
C VAL B 421 21.04 15.99 9.17
N ASN B 422 22.34 16.23 9.07
CA ASN B 422 22.87 17.59 9.01
C ASN B 422 23.77 17.93 7.80
N MET B 423 23.36 18.99 7.09
CA MET B 423 24.10 19.54 5.96
C MET B 423 24.65 20.89 6.35
N ALA B 424 25.59 21.40 5.56
CA ALA B 424 26.17 22.73 5.78
C ALA B 424 26.80 23.30 4.52
N GLY B 425 26.73 24.62 4.37
CA GLY B 425 27.29 25.29 3.21
C GLY B 425 26.78 26.70 2.98
N LEU B 434 21.31 35.70 -12.51
CA LEU B 434 21.39 34.94 -13.76
C LEU B 434 21.29 33.41 -13.55
N ASP B 435 22.12 32.88 -12.66
CA ASP B 435 22.21 31.45 -12.41
C ASP B 435 22.50 31.14 -10.94
N SER B 436 21.56 30.49 -10.26
CA SER B 436 21.81 30.05 -8.89
C SER B 436 22.25 28.62 -8.54
N TYR B 437 23.32 28.49 -7.75
CA TYR B 437 24.01 27.22 -7.57
C TYR B 437 24.47 27.17 -6.11
N SER B 438 24.45 25.99 -5.50
CA SER B 438 24.93 25.85 -4.12
C SER B 438 25.53 24.48 -3.81
N LEU B 439 26.31 24.42 -2.73
CA LEU B 439 26.86 23.16 -2.25
C LEU B 439 26.80 23.04 -0.71
N ASN B 440 26.42 21.84 -0.25
CA ASN B 440 26.40 21.52 1.18
C ASN B 440 26.92 20.10 1.35
N ALA B 441 27.14 19.68 2.59
CA ALA B 441 27.46 18.26 2.83
C ALA B 441 27.55 17.83 4.29
N GLY B 442 27.45 16.51 4.49
CA GLY B 442 27.47 15.87 5.79
C GLY B 442 26.91 14.46 5.75
N LEU B 443 26.51 13.96 6.90
CA LEU B 443 25.90 12.63 6.98
C LEU B 443 24.72 12.61 7.95
N ASN B 444 24.20 11.40 8.19
CA ASN B 444 23.03 11.16 9.04
C ASN B 444 23.39 10.87 10.50
N ILE B 455 27.32 15.11 1.07
CA ILE B 455 27.41 15.37 -0.36
C ILE B 455 26.05 15.79 -0.93
N ASN B 456 25.83 17.10 -1.04
CA ASN B 456 24.61 17.68 -1.63
C ASN B 456 24.95 18.88 -2.53
N ALA B 457 24.19 19.09 -3.60
CA ALA B 457 24.58 20.07 -4.60
C ALA B 457 23.53 20.37 -5.69
N TYR B 458 22.90 21.53 -5.62
CA TYR B 458 21.96 21.91 -6.67
C TYR B 458 22.57 22.91 -7.66
N TYR B 459 21.99 22.98 -8.85
CA TYR B 459 22.31 24.03 -9.81
C TYR B 459 21.06 24.48 -10.55
N SER B 460 20.95 25.78 -10.84
CA SER B 460 19.87 26.27 -11.68
C SER B 460 20.35 27.36 -12.62
N HIS B 461 19.62 27.53 -13.71
CA HIS B 461 19.80 28.67 -14.61
C HIS B 461 18.45 29.34 -14.89
N ARG B 462 17.95 30.05 -13.89
CA ARG B 462 16.71 30.79 -14.04
C ARG B 462 16.84 31.86 -15.11
N SER B 463 16.43 31.52 -16.33
CA SER B 463 16.28 32.49 -17.42
C SER B 463 14.80 32.59 -17.80
N PRO B 464 14.29 33.81 -17.98
CA PRO B 464 12.86 33.98 -18.27
C PRO B 464 12.37 33.07 -19.40
N LEU B 465 13.06 33.13 -20.55
CA LEU B 465 12.62 32.41 -21.74
C LEU B 465 12.79 30.89 -21.64
N ALA B 466 13.66 30.42 -20.74
CA ALA B 466 13.86 28.99 -20.54
C ALA B 466 14.67 28.62 -19.29
N ASN B 467 13.97 28.11 -18.28
CA ASN B 467 14.62 27.71 -17.03
C ASN B 467 15.16 26.28 -17.11
N LEU B 468 16.12 25.96 -16.26
CA LEU B 468 16.68 24.63 -16.22
C LEU B 468 17.37 24.39 -14.88
N SER B 469 17.03 23.27 -14.24
CA SER B 469 17.59 22.88 -12.95
C SER B 469 18.47 21.63 -13.08
N ALA B 470 19.51 21.57 -12.26
CA ALA B 470 20.38 20.42 -12.15
C ALA B 470 20.43 20.00 -10.70
N ASN B 471 20.65 18.71 -10.45
CA ASN B 471 20.66 18.22 -9.09
C ASN B 471 21.57 17.01 -8.90
N ILE B 472 22.18 16.91 -7.73
CA ILE B 472 22.94 15.74 -7.34
C ILE B 472 23.26 15.75 -5.84
N ALA B 473 22.84 14.69 -5.16
CA ALA B 473 23.20 14.49 -3.76
C ALA B 473 23.63 13.02 -3.53
N SER B 474 23.85 12.65 -2.26
CA SER B 474 24.25 11.29 -1.95
C SER B 474 24.44 11.07 -0.46
N LEU B 475 23.97 9.93 0.03
CA LEU B 475 24.03 9.59 1.45
C LEU B 475 25.03 8.46 1.66
N GLN B 476 25.81 8.56 2.74
CA GLN B 476 26.76 7.51 3.12
C GLN B 476 26.21 6.11 2.90
N TYR B 479 22.75 5.37 -1.04
CA TYR B 479 22.20 5.71 -2.35
C TYR B 479 22.91 6.93 -2.99
N THR B 480 22.64 7.14 -4.27
CA THR B 480 23.09 8.30 -5.02
C THR B 480 21.85 8.88 -5.71
N SER B 481 21.99 9.96 -6.49
CA SER B 481 20.88 10.48 -7.30
C SER B 481 21.35 11.42 -8.41
N PHE B 482 20.43 11.75 -9.33
CA PHE B 482 20.67 12.83 -10.30
C PHE B 482 19.38 13.62 -10.58
N GLY B 483 19.48 14.95 -10.64
CA GLY B 483 18.34 15.82 -10.80
C GLY B 483 18.37 16.67 -12.07
N VAL B 484 17.18 17.00 -12.59
CA VAL B 484 17.03 17.59 -13.92
C VAL B 484 15.65 18.20 -14.15
N SER B 485 15.59 19.46 -14.57
CA SER B 485 14.30 20.04 -14.96
C SER B 485 14.40 21.16 -16.01
N ALA B 486 13.51 21.10 -17.00
CA ALA B 486 13.51 22.00 -18.13
C ALA B 486 12.15 22.67 -18.20
N SER B 487 12.09 23.92 -18.63
CA SER B 487 10.81 24.56 -18.90
C SER B 487 10.97 25.93 -19.56
N GLY B 488 9.84 26.47 -19.99
CA GLY B 488 9.77 27.62 -20.88
C GLY B 488 8.85 27.28 -22.04
N GLY B 489 8.68 28.19 -22.98
CA GLY B 489 7.85 27.95 -24.15
C GLY B 489 8.56 28.31 -25.44
N ALA B 490 8.25 27.57 -26.51
CA ALA B 490 8.92 27.75 -27.82
C ALA B 490 7.92 28.02 -28.94
N THR B 491 8.31 28.87 -29.89
CA THR B 491 7.39 29.30 -30.96
C THR B 491 7.35 28.34 -32.18
N ILE B 492 6.95 27.09 -31.91
CA ILE B 492 6.98 26.04 -32.93
C ILE B 492 5.78 26.07 -33.87
#